data_7EUO
#
_entry.id   7EUO
#
_cell.length_a   1.00
_cell.length_b   1.00
_cell.length_c   1.00
_cell.angle_alpha   90.00
_cell.angle_beta   90.00
_cell.angle_gamma   90.00
#
_symmetry.space_group_name_H-M   'P 1'
#
loop_
_entity.id
_entity.type
_entity.pdbx_description
1 polymer 'fMet-Leu-Phe receptor'
2 polymer 'Guanine nucleotide-binding protein G(i) subunit alpha-1'
3 polymer 'Guanine nucleotide-binding protein G(I)/G(S)/G(T) subunit beta-1'
4 polymer 'Guanine nucleotide-binding protein G(I)/G(S)/G(O) subunit gamma-2'
5 polymer scFv16
6 polymer 'Peptide Agonist fMLF'
7 non-polymer CHOLESTEROL
#
loop_
_entity_poly.entity_id
_entity_poly.type
_entity_poly.pdbx_seq_one_letter_code
_entity_poly.pdbx_strand_id
1 'polypeptide(L)'
;DYKDDDDKLEVLFQGPGSMETNSSLPTNISGGTPAVSAGYLFLDIITYLVFAVTFVLGVLGNGLVIWVAGFRMTHTVTTI
SYLNLAVADFCFTSTLPFFMVRKAMGGHWPFGWFLCKFVFTIVDINLFGSVFLIALIALDRCVCVLHPVWTQNHRTVSLA
KKVIIGPWVMALLLTLPVIIRVTTVPGKTGTVACTFNFSPWTNDPKERINVAVAMLTVRGIIRFIIGFSAPMSIVAVSYG
LIATKIHKQGLIKSSRPLRVLSFVAAAFFLCWSPYQVVALIATVRIRELLQGMYKEIGIAVDVTSALAFFNSCLNPMLYV
FMGQDFRERLIHALPASLERALTEDSTQTSDTATNSTLPSAEVELQAKHHHHHHHHHH
;
R
2 'polypeptide(L)'
;MGCTLSAEDKAAVERSKMIDRNLREDGEKAAREVKLLLLGAGESGKSTIVKQMKIIHEAGYSEEECKQYKAVVYSNTIQS
IIAIIRAMGRLKIDFGDSARADDARQLFVLAGAAEEGFMTAELAGVIKRLWKDSGVQACFNRSREYQLNDSAAYYLNDLD
RIAQPNYIPTQQDVLRTRVKTTGIVETHFTFKDLHFKMFDVGGQRSERKKWIHCFEGVTAIIFCVALSDYDLVLAEDEEM
NRMHESMKLFDSICNNKWFTDTSIILFLNKKDLFEEKIKKSPLTICYPEYAGSNTYEEAAAYIQCQFEDLNKRKDTKEIY
THFTCATDTKNVQFVFDAVTDVIIKNNLKDCGLF
;
A
3 'polypeptide(L)'
;HHHHHHLEVLFQGPGSSGSELDQLRQEAEQLKNQIRDARKACADATLSQITNNIDPVGRIQMRTRRTLRGHLAKIYAMHW
GTDSRLLVSASQDGKLIIWDSYTTNKVHAIPLRSSWVMTCAYAPSGNYVACGGLDNICSIYNLKTREGNVRVSRELAGHT
GYLSCCRFLDDNQIVTSSGDTTCALWDIETGQQTTTFTGHTGDVMSLSLAPDTRLFVSGACDASAKLWDVREGMCRQTFT
GHESDINAICFFPNGNAFATGSDDATCRLFDLRADQELMTYSHDNIICGITSVSFSKSGRLLLAGYDDFNCNVWDALKAD
RAGVLAGHDNRVSCLGVTDDGMAVATGSWDSFLKIWN
;
B
4 'polypeptide(L)' MASNNTASIAQARKLVEQLKMEANIDRIKVSKAAADLMAYCEAHAKEDPLLTPVPASENPFREKKFFCAIL G
5 'polypeptide(L)'
;DVQLVESGGGLVQPGGSRKLSCSASGFAFSSFGMHWVRQAPEKGLEWVAYISSGSGTIYYADTVKGRFTISRDDPKNTLF
LQMTSLRSEDTAMYYCVRSIYYYGSSPFDFWGQGTTLTVSSGGGGSGGGGSGGGGSDIVMTQATSSVPVTPGESVSISCR
SSKSLLHSNGNTYLYWFLQRPGQSPQLLIYRMSNLASGVPDRFSGSGSGTAFTLTISRLEAEDVGVYYCMQHLEYPLTFG
AGTKLELKGSLEVLFQGPAAAHHHHHHHH
;
S
6 'polypeptide(L)' (FME)LF C
#
# COMPACT_ATOMS: atom_id res chain seq x y z
N TYR A 40 -35.99 -31.14 -39.35
CA TYR A 40 -36.51 -30.10 -38.46
C TYR A 40 -36.53 -30.60 -37.02
N LEU A 41 -36.74 -31.92 -36.86
CA LEU A 41 -36.66 -32.50 -35.52
C LEU A 41 -35.24 -32.41 -34.97
N PHE A 42 -34.24 -32.50 -35.85
CA PHE A 42 -32.86 -32.42 -35.42
C PHE A 42 -32.53 -31.07 -34.79
N LEU A 43 -33.11 -30.00 -35.34
CA LEU A 43 -32.83 -28.66 -34.85
C LEU A 43 -33.22 -28.51 -33.39
N ASP A 44 -34.28 -29.18 -32.95
CA ASP A 44 -34.70 -29.08 -31.55
C ASP A 44 -33.62 -29.63 -30.62
N ILE A 45 -33.06 -30.80 -30.94
CA ILE A 45 -31.98 -31.35 -30.14
C ILE A 45 -30.76 -30.45 -30.20
N ILE A 46 -30.46 -29.91 -31.39
CA ILE A 46 -29.30 -29.02 -31.50
C ILE A 46 -29.46 -27.81 -30.57
N THR A 47 -30.63 -27.17 -30.61
CA THR A 47 -30.85 -25.99 -29.78
C THR A 47 -30.82 -26.34 -28.29
N TYR A 48 -31.43 -27.46 -27.92
CA TYR A 48 -31.46 -27.84 -26.51
C TYR A 48 -30.04 -28.12 -26.00
N LEU A 49 -29.25 -28.86 -26.77
CA LEU A 49 -27.88 -29.15 -26.36
C LEU A 49 -27.06 -27.88 -26.28
N VAL A 50 -27.21 -26.98 -27.26
CA VAL A 50 -26.46 -25.72 -27.24
C VAL A 50 -26.83 -24.91 -26.00
N PHE A 51 -28.13 -24.83 -25.69
CA PHE A 51 -28.56 -24.08 -24.51
C PHE A 51 -27.96 -24.68 -23.25
N ALA A 52 -28.00 -26.01 -23.11
CA ALA A 52 -27.48 -26.64 -21.90
C ALA A 52 -25.99 -26.41 -21.74
N VAL A 53 -25.23 -26.63 -22.81
CA VAL A 53 -23.78 -26.48 -22.71
C VAL A 53 -23.41 -25.01 -22.47
N THR A 54 -24.10 -24.09 -23.15
CA THR A 54 -23.86 -22.68 -22.90
C THR A 54 -24.12 -22.33 -21.44
N PHE A 55 -25.27 -22.76 -20.92
CA PHE A 55 -25.59 -22.51 -19.52
C PHE A 55 -24.46 -22.98 -18.61
N VAL A 56 -24.15 -24.26 -18.64
CA VAL A 56 -23.21 -24.81 -17.66
C VAL A 56 -21.81 -24.21 -17.84
N LEU A 57 -21.28 -24.24 -19.06
CA LEU A 57 -19.91 -23.79 -19.27
C LEU A 57 -19.79 -22.29 -19.00
N GLY A 58 -20.75 -21.49 -19.46
CA GLY A 58 -20.70 -20.06 -19.20
C GLY A 58 -20.78 -19.73 -17.73
N VAL A 59 -21.68 -20.38 -17.00
CA VAL A 59 -21.82 -20.02 -15.59
C VAL A 59 -20.55 -20.39 -14.82
N LEU A 60 -19.99 -21.59 -15.05
CA LEU A 60 -18.75 -21.95 -14.35
C LEU A 60 -17.59 -21.05 -14.77
N GLY A 61 -17.43 -20.79 -16.07
CA GLY A 61 -16.32 -19.96 -16.51
C GLY A 61 -16.39 -18.56 -15.97
N ASN A 62 -17.58 -17.94 -16.05
CA ASN A 62 -17.73 -16.58 -15.56
C ASN A 62 -17.60 -16.52 -14.04
N GLY A 63 -18.06 -17.55 -13.33
CA GLY A 63 -17.84 -17.58 -11.89
C GLY A 63 -16.37 -17.63 -11.54
N LEU A 64 -15.61 -18.48 -12.24
CA LEU A 64 -14.17 -18.53 -11.99
C LEU A 64 -13.51 -17.20 -12.30
N VAL A 65 -13.90 -16.56 -13.42
CA VAL A 65 -13.27 -15.31 -13.80
C VAL A 65 -13.59 -14.21 -12.80
N ILE A 66 -14.84 -14.10 -12.37
CA ILE A 66 -15.20 -13.06 -11.40
C ILE A 66 -14.48 -13.31 -10.08
N TRP A 67 -14.41 -14.57 -9.64
CA TRP A 67 -13.74 -14.87 -8.38
C TRP A 67 -12.26 -14.53 -8.45
N VAL A 68 -11.61 -14.84 -9.57
CA VAL A 68 -10.17 -14.60 -9.69
C VAL A 68 -9.88 -13.11 -9.81
N ALA A 69 -10.52 -12.45 -10.78
CA ALA A 69 -10.21 -11.05 -11.07
C ALA A 69 -10.83 -10.07 -10.09
N GLY A 70 -11.71 -10.51 -9.21
CA GLY A 70 -12.35 -9.58 -8.30
C GLY A 70 -11.71 -9.48 -6.94
N PHE A 71 -11.23 -10.60 -6.41
CA PHE A 71 -10.72 -10.67 -5.05
C PHE A 71 -9.26 -11.09 -4.99
N ARG A 72 -8.89 -12.14 -5.72
CA ARG A 72 -7.55 -12.70 -5.59
C ARG A 72 -6.57 -12.10 -6.59
N MET A 73 -6.81 -10.85 -7.00
CA MET A 73 -5.89 -10.13 -7.87
C MET A 73 -6.07 -8.64 -7.65
N THR A 74 -4.97 -7.91 -7.61
CA THR A 74 -5.03 -6.46 -7.48
C THR A 74 -5.70 -5.86 -8.71
N HIS A 75 -6.21 -4.64 -8.55
CA HIS A 75 -7.06 -4.01 -9.54
C HIS A 75 -6.23 -3.12 -10.47
N THR A 76 -6.27 -3.43 -11.76
CA THR A 76 -5.72 -2.58 -12.82
C THR A 76 -6.77 -2.47 -13.92
N VAL A 77 -6.45 -1.67 -14.95
CA VAL A 77 -7.46 -1.35 -15.96
C VAL A 77 -7.94 -2.60 -16.69
N THR A 78 -6.99 -3.47 -17.08
CA THR A 78 -7.36 -4.69 -17.78
C THR A 78 -8.22 -5.59 -16.89
N THR A 79 -7.87 -5.68 -15.60
CA THR A 79 -8.68 -6.48 -14.69
C THR A 79 -10.07 -5.90 -14.54
N ILE A 80 -10.19 -4.57 -14.52
CA ILE A 80 -11.50 -3.94 -14.44
C ILE A 80 -12.35 -4.30 -15.64
N SER A 81 -11.77 -4.20 -16.85
CA SER A 81 -12.52 -4.52 -18.06
C SER A 81 -12.94 -5.99 -18.07
N TYR A 82 -12.02 -6.88 -17.71
CA TYR A 82 -12.37 -8.30 -17.69
C TYR A 82 -13.43 -8.59 -16.64
N LEU A 83 -13.37 -7.91 -15.50
CA LEU A 83 -14.37 -8.08 -14.45
C LEU A 83 -15.74 -7.69 -14.94
N ASN A 84 -15.85 -6.54 -15.61
CA ASN A 84 -17.14 -6.08 -16.10
C ASN A 84 -17.70 -7.02 -17.16
N LEU A 85 -16.85 -7.47 -18.08
CA LEU A 85 -17.30 -8.42 -19.10
C LEU A 85 -17.79 -9.71 -18.45
N ALA A 86 -17.06 -10.19 -17.44
CA ALA A 86 -17.45 -11.41 -16.75
C ALA A 86 -18.78 -11.25 -16.05
N VAL A 87 -19.00 -10.08 -15.41
CA VAL A 87 -20.27 -9.85 -14.72
C VAL A 87 -21.43 -9.88 -15.71
N ALA A 88 -21.28 -9.17 -16.83
CA ALA A 88 -22.35 -9.12 -17.82
C ALA A 88 -22.67 -10.51 -18.37
N ASP A 89 -21.63 -11.24 -18.79
CA ASP A 89 -21.86 -12.57 -19.34
C ASP A 89 -22.42 -13.52 -18.29
N PHE A 90 -21.98 -13.39 -17.03
CA PHE A 90 -22.49 -14.25 -15.98
C PHE A 90 -23.98 -14.04 -15.76
N CYS A 91 -24.41 -12.79 -15.68
CA CYS A 91 -25.84 -12.53 -15.51
C CYS A 91 -26.64 -13.08 -16.68
N PHE A 92 -26.19 -12.81 -17.91
CA PHE A 92 -26.95 -13.28 -19.06
C PHE A 92 -27.03 -14.80 -19.07
N THR A 93 -25.90 -15.49 -18.91
CA THR A 93 -25.91 -16.94 -18.97
C THR A 93 -26.62 -17.57 -17.78
N SER A 94 -26.75 -16.84 -16.67
CA SER A 94 -27.55 -17.34 -15.56
C SER A 94 -29.04 -17.21 -15.82
N THR A 95 -29.44 -16.25 -16.65
CA THR A 95 -30.86 -16.04 -16.91
C THR A 95 -31.38 -16.95 -18.05
N LEU A 96 -30.67 -18.03 -18.35
CA LEU A 96 -30.97 -18.92 -19.48
C LEU A 96 -32.08 -19.96 -19.25
N PRO A 97 -32.16 -20.62 -18.08
CA PRO A 97 -33.14 -21.71 -17.95
C PRO A 97 -34.58 -21.31 -18.21
N PHE A 98 -34.92 -20.04 -17.99
CA PHE A 98 -36.26 -19.58 -18.33
C PHE A 98 -36.52 -19.68 -19.83
N PHE A 99 -35.54 -19.28 -20.65
CA PHE A 99 -35.65 -19.51 -22.08
C PHE A 99 -35.74 -21.01 -22.38
N MET A 100 -34.91 -21.80 -21.69
CA MET A 100 -34.88 -23.24 -21.96
C MET A 100 -36.23 -23.89 -21.70
N VAL A 101 -36.94 -23.43 -20.66
CA VAL A 101 -38.23 -24.03 -20.34
C VAL A 101 -39.35 -23.38 -21.16
N ARG A 102 -39.18 -22.12 -21.58
CA ARG A 102 -40.19 -21.50 -22.43
C ARG A 102 -40.23 -22.13 -23.80
N LYS A 103 -39.09 -22.55 -24.35
CA LYS A 103 -39.14 -23.30 -25.59
C LYS A 103 -39.65 -24.72 -25.37
N ALA A 104 -39.40 -25.30 -24.20
CA ALA A 104 -39.79 -26.67 -23.90
C ALA A 104 -41.30 -26.86 -23.93
N MET A 105 -42.04 -26.01 -23.22
CA MET A 105 -43.48 -26.15 -23.13
C MET A 105 -44.14 -26.08 -24.50
N GLY A 106 -43.71 -25.13 -25.33
CA GLY A 106 -44.29 -24.97 -26.65
C GLY A 106 -44.53 -23.51 -26.98
N GLY A 107 -44.44 -22.65 -25.97
CA GLY A 107 -44.73 -21.24 -26.12
C GLY A 107 -45.40 -20.72 -24.87
N HIS A 108 -45.80 -21.63 -23.99
CA HIS A 108 -46.40 -21.25 -22.71
C HIS A 108 -45.36 -20.54 -21.84
N TRP A 109 -45.86 -19.64 -20.99
CA TRP A 109 -45.02 -18.87 -20.08
C TRP A 109 -45.56 -19.09 -18.66
N PRO A 110 -45.22 -20.23 -18.05
CA PRO A 110 -45.82 -20.56 -16.74
C PRO A 110 -45.55 -19.56 -15.65
N PHE A 111 -44.45 -18.82 -15.73
CA PHE A 111 -44.05 -17.90 -14.66
C PHE A 111 -44.95 -16.66 -14.68
N GLY A 112 -44.69 -15.73 -13.76
CA GLY A 112 -45.54 -14.56 -13.62
C GLY A 112 -45.16 -13.41 -14.52
N TRP A 113 -45.99 -12.36 -14.46
CA TRP A 113 -45.74 -11.14 -15.21
C TRP A 113 -44.46 -10.44 -14.74
N PHE A 114 -44.23 -10.41 -13.43
CA PHE A 114 -43.03 -9.77 -12.91
C PHE A 114 -41.77 -10.47 -13.41
N LEU A 115 -41.77 -11.81 -13.40
CA LEU A 115 -40.62 -12.54 -13.93
C LEU A 115 -40.43 -12.28 -15.41
N CYS A 116 -41.53 -12.23 -16.17
CA CYS A 116 -41.47 -11.88 -17.58
C CYS A 116 -40.70 -10.58 -17.78
N LYS A 117 -41.17 -9.50 -17.15
CA LYS A 117 -40.55 -8.19 -17.32
C LYS A 117 -39.09 -8.20 -16.87
N PHE A 118 -38.85 -8.75 -15.67
CA PHE A 118 -37.51 -8.71 -15.09
C PHE A 118 -36.51 -9.48 -15.93
N VAL A 119 -36.89 -10.69 -16.36
CA VAL A 119 -35.99 -11.54 -17.11
C VAL A 119 -35.67 -10.92 -18.47
N PHE A 120 -36.69 -10.40 -19.16
CA PHE A 120 -36.40 -9.80 -20.46
C PHE A 120 -35.51 -8.58 -20.32
N THR A 121 -35.76 -7.74 -19.32
CA THR A 121 -34.91 -6.58 -19.10
C THR A 121 -33.47 -7.00 -18.84
N ILE A 122 -33.28 -7.98 -17.95
CA ILE A 122 -31.93 -8.42 -17.59
C ILE A 122 -31.20 -8.95 -18.81
N VAL A 123 -31.88 -9.81 -19.59
CA VAL A 123 -31.22 -10.42 -20.74
C VAL A 123 -30.81 -9.37 -21.76
N ASP A 124 -31.72 -8.45 -22.08
CA ASP A 124 -31.40 -7.45 -23.10
C ASP A 124 -30.26 -6.55 -22.65
N ILE A 125 -30.32 -6.06 -21.40
CA ILE A 125 -29.29 -5.15 -20.94
C ILE A 125 -27.94 -5.86 -20.87
N ASN A 126 -27.94 -7.15 -20.51
CA ASN A 126 -26.67 -7.87 -20.39
C ASN A 126 -26.07 -8.14 -21.76
N LEU A 127 -26.90 -8.47 -22.76
CA LEU A 127 -26.37 -8.66 -24.11
C LEU A 127 -25.74 -7.37 -24.64
N PHE A 128 -26.44 -6.24 -24.49
CA PHE A 128 -25.87 -4.99 -24.97
C PHE A 128 -24.59 -4.64 -24.23
N GLY A 129 -24.58 -4.83 -22.91
CA GLY A 129 -23.37 -4.55 -22.15
C GLY A 129 -22.20 -5.40 -22.59
N SER A 130 -22.44 -6.69 -22.83
CA SER A 130 -21.36 -7.58 -23.25
C SER A 130 -20.78 -7.15 -24.60
N VAL A 131 -21.65 -6.83 -25.56
CA VAL A 131 -21.16 -6.44 -26.88
C VAL A 131 -20.34 -5.15 -26.79
N PHE A 132 -20.87 -4.16 -26.07
CA PHE A 132 -20.15 -2.89 -25.96
C PHE A 132 -18.84 -3.05 -25.21
N LEU A 133 -18.79 -3.95 -24.22
CA LEU A 133 -17.54 -4.16 -23.49
C LEU A 133 -16.49 -4.84 -24.36
N ILE A 134 -16.91 -5.76 -25.23
CA ILE A 134 -15.96 -6.36 -26.17
C ILE A 134 -15.39 -5.27 -27.08
N ALA A 135 -16.25 -4.40 -27.61
CA ALA A 135 -15.76 -3.32 -28.45
C ALA A 135 -14.78 -2.41 -27.70
N LEU A 136 -15.11 -2.09 -26.45
CA LEU A 136 -14.26 -1.22 -25.65
C LEU A 136 -12.90 -1.85 -25.36
N ILE A 137 -12.88 -3.16 -25.08
CA ILE A 137 -11.61 -3.84 -24.84
C ILE A 137 -10.75 -3.82 -26.10
N ALA A 138 -11.35 -4.06 -27.26
CA ALA A 138 -10.59 -4.00 -28.51
C ALA A 138 -10.00 -2.61 -28.73
N LEU A 139 -10.80 -1.56 -28.50
CA LEU A 139 -10.29 -0.21 -28.65
C LEU A 139 -9.16 0.07 -27.66
N ASP A 140 -9.32 -0.41 -26.42
CA ASP A 140 -8.28 -0.23 -25.40
C ASP A 140 -6.96 -0.82 -25.85
N ARG A 141 -6.99 -2.07 -26.34
CA ARG A 141 -5.74 -2.70 -26.80
C ARG A 141 -5.15 -1.94 -27.97
N CYS A 142 -5.98 -1.53 -28.93
CA CYS A 142 -5.45 -0.82 -30.09
C CYS A 142 -4.76 0.47 -29.68
N VAL A 143 -5.36 1.25 -28.79
CA VAL A 143 -4.72 2.48 -28.35
C VAL A 143 -3.45 2.18 -27.56
N CYS A 144 -3.51 1.20 -26.66
CA CYS A 144 -2.37 0.87 -25.81
C CYS A 144 -1.19 0.35 -26.60
N VAL A 145 -1.41 -0.13 -27.83
CA VAL A 145 -0.31 -0.59 -28.67
C VAL A 145 0.14 0.49 -29.65
N LEU A 146 -0.79 1.24 -30.24
CA LEU A 146 -0.40 2.23 -31.24
C LEU A 146 0.23 3.47 -30.61
N HIS A 147 -0.27 3.92 -29.47
CA HIS A 147 0.21 5.14 -28.80
C HIS A 147 0.79 4.77 -27.45
N PRO A 148 2.09 4.53 -27.36
CA PRO A 148 2.68 4.14 -26.07
C PRO A 148 2.98 5.33 -25.19
N VAL A 149 3.21 6.51 -25.79
CA VAL A 149 3.48 7.70 -25.01
C VAL A 149 2.23 8.13 -24.24
N TRP A 150 1.08 8.16 -24.92
CA TRP A 150 -0.14 8.67 -24.31
C TRP A 150 -0.59 7.79 -23.15
N THR A 151 -0.56 6.47 -23.31
CA THR A 151 -1.02 5.59 -22.25
C THR A 151 -0.07 5.55 -21.05
N GLN A 152 1.12 6.13 -21.18
CA GLN A 152 2.00 6.25 -20.01
C GLN A 152 1.53 7.35 -19.07
N ASN A 153 0.86 8.37 -19.60
CA ASN A 153 0.49 9.54 -18.82
C ASN A 153 -0.97 9.59 -18.41
N HIS A 154 -1.88 9.02 -19.19
CA HIS A 154 -3.32 9.20 -19.00
C HIS A 154 -4.05 7.87 -19.07
N ARG A 155 -3.58 6.87 -18.35
CA ARG A 155 -4.25 5.57 -18.30
C ARG A 155 -4.40 5.09 -16.87
N THR A 156 -4.92 5.97 -16.01
CA THR A 156 -5.08 5.67 -14.60
C THR A 156 -6.38 4.92 -14.32
N VAL A 157 -6.39 4.23 -13.18
CA VAL A 157 -7.60 3.52 -12.74
C VAL A 157 -8.75 4.49 -12.53
N SER A 158 -8.44 5.75 -12.17
CA SER A 158 -9.48 6.75 -12.06
C SER A 158 -10.16 6.96 -13.42
N LEU A 159 -9.37 7.09 -14.48
CA LEU A 159 -9.95 7.23 -15.81
C LEU A 159 -10.72 5.97 -16.21
N ALA A 160 -10.20 4.80 -15.83
CA ALA A 160 -10.91 3.56 -16.16
C ALA A 160 -12.29 3.54 -15.52
N LYS A 161 -12.37 3.84 -14.23
CA LYS A 161 -13.67 3.88 -13.56
C LYS A 161 -14.55 5.02 -14.05
N LYS A 162 -13.96 6.10 -14.55
CA LYS A 162 -14.76 7.19 -15.08
C LYS A 162 -15.35 6.86 -16.46
N VAL A 163 -14.65 6.05 -17.26
CA VAL A 163 -15.12 5.76 -18.61
C VAL A 163 -15.92 4.47 -18.68
N ILE A 164 -15.82 3.59 -17.67
CA ILE A 164 -16.50 2.30 -17.75
C ILE A 164 -18.01 2.39 -17.62
N ILE A 165 -18.56 3.55 -17.23
CA ILE A 165 -20.00 3.65 -17.06
C ILE A 165 -20.71 4.02 -18.34
N GLY A 166 -19.99 4.17 -19.44
CA GLY A 166 -20.59 4.44 -20.73
C GLY A 166 -21.40 3.28 -21.29
N PRO A 167 -20.77 2.11 -21.41
CA PRO A 167 -21.50 0.95 -21.95
C PRO A 167 -22.74 0.59 -21.16
N TRP A 168 -22.70 0.65 -19.83
CA TRP A 168 -23.86 0.27 -19.03
C TRP A 168 -25.00 1.26 -19.22
N VAL A 169 -24.69 2.56 -19.21
CA VAL A 169 -25.72 3.57 -19.42
C VAL A 169 -26.33 3.43 -20.80
N MET A 170 -25.49 3.19 -21.82
CA MET A 170 -26.02 2.99 -23.17
C MET A 170 -26.92 1.76 -23.24
N ALA A 171 -26.52 0.67 -22.57
CA ALA A 171 -27.32 -0.53 -22.58
C ALA A 171 -28.68 -0.30 -21.94
N LEU A 172 -28.70 0.39 -20.78
CA LEU A 172 -29.98 0.67 -20.12
C LEU A 172 -30.86 1.58 -20.97
N LEU A 173 -30.27 2.62 -21.55
CA LEU A 173 -31.03 3.54 -22.39
C LEU A 173 -31.59 2.85 -23.61
N LEU A 174 -30.90 1.83 -24.13
CA LEU A 174 -31.40 1.10 -25.29
C LEU A 174 -32.36 -0.01 -24.93
N THR A 175 -32.32 -0.50 -23.69
CA THR A 175 -33.23 -1.55 -23.25
C THR A 175 -34.46 -1.02 -22.53
N LEU A 176 -34.58 0.30 -22.35
CA LEU A 176 -35.80 0.87 -21.80
C LEU A 176 -37.09 0.39 -22.47
N PRO A 177 -37.19 0.28 -23.80
CA PRO A 177 -38.45 -0.22 -24.39
C PRO A 177 -38.85 -1.59 -23.89
N VAL A 178 -37.89 -2.47 -23.59
CA VAL A 178 -38.24 -3.77 -23.03
C VAL A 178 -38.83 -3.61 -21.63
N ILE A 179 -38.29 -2.67 -20.85
CA ILE A 179 -38.86 -2.40 -19.53
C ILE A 179 -40.28 -1.87 -19.66
N ILE A 180 -40.53 -1.08 -20.70
CA ILE A 180 -41.82 -0.38 -20.82
C ILE A 180 -42.90 -1.32 -21.36
N ARG A 181 -42.72 -1.82 -22.58
CA ARG A 181 -43.81 -2.40 -23.35
C ARG A 181 -43.84 -3.92 -23.39
N VAL A 182 -42.98 -4.61 -22.66
CA VAL A 182 -42.99 -6.06 -22.64
C VAL A 182 -43.87 -6.55 -21.51
N THR A 183 -44.78 -7.46 -21.81
CA THR A 183 -45.72 -7.97 -20.80
C THR A 183 -46.21 -9.34 -21.24
N THR A 184 -46.87 -10.03 -20.32
CA THR A 184 -47.54 -11.28 -20.64
C THR A 184 -48.92 -11.00 -21.21
N VAL A 185 -49.38 -11.92 -22.05
CA VAL A 185 -50.70 -11.78 -22.67
C VAL A 185 -51.28 -13.16 -22.98
N PRO A 186 -52.56 -13.39 -22.68
CA PRO A 186 -53.19 -14.65 -23.11
C PRO A 186 -53.35 -14.71 -24.62
N GLY A 187 -53.26 -15.93 -25.15
CA GLY A 187 -53.40 -16.14 -26.58
C GLY A 187 -54.79 -16.59 -26.97
N LYS A 188 -55.77 -16.38 -26.08
CA LYS A 188 -57.17 -16.74 -26.31
C LYS A 188 -57.35 -18.24 -26.57
N THR A 189 -56.41 -19.06 -26.12
CA THR A 189 -56.48 -20.51 -26.32
C THR A 189 -56.18 -21.32 -25.07
N GLY A 190 -55.48 -20.76 -24.09
CA GLY A 190 -55.08 -21.50 -22.91
C GLY A 190 -53.59 -21.40 -22.68
N THR A 191 -52.94 -20.47 -23.37
CA THR A 191 -51.52 -20.24 -23.26
C THR A 191 -51.26 -18.75 -23.07
N VAL A 192 -50.09 -18.44 -22.52
CA VAL A 192 -49.68 -17.07 -22.26
C VAL A 192 -48.32 -16.83 -22.90
N ALA A 193 -48.12 -15.62 -23.42
CA ALA A 193 -46.90 -15.25 -24.11
C ALA A 193 -46.30 -14.01 -23.47
N CYS A 194 -45.03 -14.09 -23.11
CA CYS A 194 -44.22 -12.94 -22.68
C CYS A 194 -43.69 -12.26 -23.94
N THR A 195 -44.35 -11.18 -24.37
CA THR A 195 -43.99 -10.57 -25.63
C THR A 195 -44.32 -9.08 -25.57
N PHE A 196 -44.23 -8.42 -26.72
CA PHE A 196 -44.43 -6.98 -26.82
C PHE A 196 -45.89 -6.67 -27.06
N ASN A 197 -46.47 -5.82 -26.21
CA ASN A 197 -47.82 -5.31 -26.38
C ASN A 197 -47.69 -3.81 -26.66
N PHE A 198 -47.50 -3.47 -27.93
CA PHE A 198 -47.23 -2.08 -28.31
C PHE A 198 -48.47 -1.21 -28.25
N SER A 199 -49.66 -1.79 -28.43
CA SER A 199 -50.92 -1.04 -28.43
C SER A 199 -51.87 -1.71 -27.44
N PRO A 200 -51.71 -1.45 -26.14
CA PRO A 200 -52.60 -2.05 -25.15
C PRO A 200 -53.96 -1.37 -25.02
N TRP A 201 -54.13 -0.18 -25.60
CA TRP A 201 -55.39 0.54 -25.43
C TRP A 201 -56.51 -0.09 -26.24
N THR A 202 -56.25 -0.45 -27.49
CA THR A 202 -57.28 -0.94 -28.40
C THR A 202 -57.10 -2.43 -28.67
N ASN A 203 -58.15 -3.01 -29.26
CA ASN A 203 -58.15 -4.42 -29.65
C ASN A 203 -58.53 -4.58 -31.12
N ASP A 204 -58.35 -3.54 -31.93
CA ASP A 204 -58.72 -3.57 -33.34
C ASP A 204 -57.51 -4.01 -34.16
N PRO A 205 -57.61 -5.10 -34.93
CA PRO A 205 -56.40 -5.65 -35.56
C PRO A 205 -55.65 -4.70 -36.49
N LYS A 206 -56.33 -3.79 -37.18
CA LYS A 206 -55.64 -2.98 -38.19
C LYS A 206 -54.56 -2.10 -37.58
N GLU A 207 -54.95 -1.19 -36.70
CA GLU A 207 -53.96 -0.29 -36.10
C GLU A 207 -53.00 -1.06 -35.19
N ARG A 208 -53.47 -2.15 -34.58
CA ARG A 208 -52.57 -2.99 -33.79
C ARG A 208 -51.42 -3.51 -34.63
N ILE A 209 -51.75 -4.12 -35.78
CA ILE A 209 -50.71 -4.62 -36.68
C ILE A 209 -49.84 -3.48 -37.18
N ASN A 210 -50.44 -2.34 -37.52
CA ASN A 210 -49.67 -1.23 -38.05
C ASN A 210 -48.63 -0.74 -37.06
N VAL A 211 -49.04 -0.46 -35.82
CA VAL A 211 -48.10 0.04 -34.82
C VAL A 211 -47.10 -1.04 -34.46
N ALA A 212 -47.54 -2.31 -34.41
CA ALA A 212 -46.61 -3.39 -34.09
C ALA A 212 -45.50 -3.49 -35.12
N VAL A 213 -45.85 -3.50 -36.41
CA VAL A 213 -44.83 -3.63 -37.43
C VAL A 213 -43.94 -2.39 -37.45
N ALA A 214 -44.51 -1.20 -37.26
CA ALA A 214 -43.69 0.01 -37.26
C ALA A 214 -42.66 -0.02 -36.13
N MET A 215 -43.11 -0.26 -34.90
CA MET A 215 -42.21 -0.25 -33.76
C MET A 215 -41.20 -1.38 -33.85
N LEU A 216 -41.62 -2.56 -34.32
CA LEU A 216 -40.69 -3.67 -34.36
C LEU A 216 -39.68 -3.51 -35.50
N THR A 217 -40.07 -2.83 -36.59
CA THR A 217 -39.09 -2.54 -37.64
C THR A 217 -38.07 -1.52 -37.19
N VAL A 218 -38.50 -0.48 -36.46
CA VAL A 218 -37.52 0.48 -35.96
C VAL A 218 -36.61 -0.20 -34.93
N ARG A 219 -37.11 -1.18 -34.20
CA ARG A 219 -36.28 -1.92 -33.25
C ARG A 219 -35.29 -2.67 -34.05
N GLY A 220 -35.75 -3.40 -35.05
CA GLY A 220 -34.83 -4.21 -35.83
C GLY A 220 -33.71 -3.39 -36.46
N ILE A 221 -34.05 -2.18 -36.94
CA ILE A 221 -33.03 -1.32 -37.51
C ILE A 221 -32.03 -0.87 -36.44
N ILE A 222 -32.45 -0.61 -35.23
CA ILE A 222 -31.46 -0.29 -34.21
C ILE A 222 -30.56 -1.49 -33.94
N ARG A 223 -31.03 -2.70 -34.01
CA ARG A 223 -30.18 -3.82 -33.66
C ARG A 223 -29.06 -4.10 -34.68
N PHE A 224 -29.26 -3.79 -35.95
CA PHE A 224 -28.24 -4.03 -36.97
C PHE A 224 -27.46 -2.78 -37.21
N ILE A 225 -27.62 -1.78 -36.37
CA ILE A 225 -26.80 -0.64 -36.57
C ILE A 225 -26.10 -0.42 -35.27
N ILE A 226 -26.69 -0.82 -34.15
CA ILE A 226 -26.04 -0.56 -32.87
C ILE A 226 -25.38 -1.82 -32.31
N GLY A 227 -26.06 -2.96 -32.40
CA GLY A 227 -25.54 -4.17 -31.80
C GLY A 227 -24.56 -4.95 -32.66
N PHE A 228 -24.54 -4.69 -33.97
CA PHE A 228 -23.66 -5.44 -34.86
C PHE A 228 -22.65 -4.56 -35.58
N SER A 229 -23.09 -3.52 -36.28
CA SER A 229 -22.21 -2.85 -37.22
C SER A 229 -21.06 -2.14 -36.51
N ALA A 230 -21.38 -1.33 -35.49
CA ALA A 230 -20.33 -0.56 -34.82
C ALA A 230 -19.31 -1.44 -34.10
N PRO A 231 -19.71 -2.36 -33.21
CA PRO A 231 -18.68 -3.17 -32.53
C PRO A 231 -17.86 -4.03 -33.47
N MET A 232 -18.47 -4.59 -34.51
CA MET A 232 -17.71 -5.39 -35.46
C MET A 232 -16.68 -4.54 -36.19
N SER A 233 -17.09 -3.36 -36.66
CA SER A 233 -16.15 -2.49 -37.37
C SER A 233 -15.03 -2.05 -36.46
N ILE A 234 -15.34 -1.70 -35.22
CA ILE A 234 -14.30 -1.26 -34.30
C ILE A 234 -13.31 -2.38 -34.00
N VAL A 235 -13.82 -3.59 -33.74
CA VAL A 235 -12.92 -4.70 -33.46
C VAL A 235 -12.03 -4.99 -34.65
N ALA A 236 -12.62 -5.04 -35.85
CA ALA A 236 -11.85 -5.33 -37.05
C ALA A 236 -10.78 -4.27 -37.29
N VAL A 237 -11.15 -3.00 -37.20
CA VAL A 237 -10.19 -1.92 -37.46
C VAL A 237 -9.07 -1.96 -36.43
N SER A 238 -9.42 -2.12 -35.15
CA SER A 238 -8.41 -2.12 -34.10
C SER A 238 -7.42 -3.25 -34.28
N TYR A 239 -7.92 -4.47 -34.53
CA TYR A 239 -7.01 -5.60 -34.63
C TYR A 239 -6.21 -5.56 -35.93
N GLY A 240 -6.79 -5.03 -37.01
CA GLY A 240 -6.02 -4.83 -38.23
C GLY A 240 -4.89 -3.85 -38.04
N LEU A 241 -5.15 -2.74 -37.33
CA LEU A 241 -4.09 -1.79 -37.05
C LEU A 241 -3.00 -2.39 -36.18
N ILE A 242 -3.40 -3.19 -35.17
CA ILE A 242 -2.40 -3.83 -34.32
C ILE A 242 -1.52 -4.77 -35.14
N ALA A 243 -2.13 -5.58 -36.00
CA ALA A 243 -1.35 -6.51 -36.81
C ALA A 243 -0.43 -5.77 -37.78
N THR A 244 -0.93 -4.70 -38.39
CA THR A 244 -0.10 -3.91 -39.29
C THR A 244 1.10 -3.32 -38.57
N LYS A 245 0.89 -2.76 -37.38
CA LYS A 245 2.00 -2.20 -36.61
C LYS A 245 3.01 -3.29 -36.23
N ILE A 246 2.52 -4.46 -35.82
CA ILE A 246 3.42 -5.53 -35.39
C ILE A 246 4.28 -6.00 -36.56
N HIS A 247 3.66 -6.22 -37.72
CA HIS A 247 4.43 -6.65 -38.88
C HIS A 247 5.23 -5.54 -39.54
N LYS A 248 4.97 -4.27 -39.20
CA LYS A 248 5.79 -3.19 -39.72
C LYS A 248 7.03 -2.94 -38.88
N GLN A 249 6.88 -2.88 -37.55
CA GLN A 249 8.01 -2.61 -36.69
C GLN A 249 8.83 -3.86 -36.37
N GLY A 250 8.22 -5.05 -36.43
CA GLY A 250 8.94 -6.28 -36.23
C GLY A 250 9.22 -6.65 -34.79
N LEU A 251 8.18 -6.83 -33.99
CA LEU A 251 8.31 -7.22 -32.60
C LEU A 251 8.03 -8.71 -32.38
N ILE A 252 7.96 -9.50 -33.45
CA ILE A 252 7.51 -10.88 -33.35
C ILE A 252 8.65 -11.74 -32.80
N LYS A 253 8.48 -12.23 -31.58
CA LYS A 253 9.27 -13.34 -31.08
C LYS A 253 8.59 -14.68 -31.35
N SER A 254 7.34 -14.66 -31.76
CA SER A 254 6.54 -15.84 -32.08
C SER A 254 5.30 -15.37 -32.82
N SER A 255 4.38 -16.29 -33.08
CA SER A 255 3.13 -15.96 -33.76
C SER A 255 1.95 -15.81 -32.80
N ARG A 256 2.22 -15.81 -31.49
CA ARG A 256 1.14 -15.78 -30.50
C ARG A 256 0.23 -14.57 -30.63
N PRO A 257 0.73 -13.33 -30.80
CA PRO A 257 -0.20 -12.20 -30.94
C PRO A 257 -1.16 -12.36 -32.11
N LEU A 258 -0.63 -12.76 -33.28
CA LEU A 258 -1.48 -12.92 -34.45
C LEU A 258 -2.48 -14.05 -34.25
N ARG A 259 -2.04 -15.17 -33.67
CA ARG A 259 -2.96 -16.27 -33.44
C ARG A 259 -4.09 -15.87 -32.49
N VAL A 260 -3.75 -15.17 -31.41
CA VAL A 260 -4.78 -14.79 -30.44
C VAL A 260 -5.75 -13.79 -31.06
N LEU A 261 -5.24 -12.80 -31.79
CA LEU A 261 -6.12 -11.83 -32.43
C LEU A 261 -7.05 -12.51 -33.43
N SER A 262 -6.51 -13.41 -34.25
CA SER A 262 -7.34 -14.13 -35.21
C SER A 262 -8.41 -14.94 -34.51
N PHE A 263 -8.03 -15.65 -33.44
CA PHE A 263 -9.01 -16.45 -32.71
C PHE A 263 -10.14 -15.59 -32.17
N VAL A 264 -9.80 -14.47 -31.53
CA VAL A 264 -10.82 -13.63 -30.91
C VAL A 264 -11.76 -13.05 -31.97
N ALA A 265 -11.19 -12.48 -33.03
CA ALA A 265 -12.02 -11.85 -34.05
C ALA A 265 -12.90 -12.87 -34.76
N ALA A 266 -12.33 -14.03 -35.11
CA ALA A 266 -13.10 -15.06 -35.81
C ALA A 266 -14.22 -15.59 -34.93
N ALA A 267 -13.94 -15.83 -33.65
CA ALA A 267 -14.97 -16.34 -32.75
C ALA A 267 -16.11 -15.35 -32.63
N PHE A 268 -15.79 -14.07 -32.43
CA PHE A 268 -16.84 -13.06 -32.31
C PHE A 268 -17.68 -12.99 -33.57
N PHE A 269 -17.02 -12.97 -34.74
CA PHE A 269 -17.76 -12.83 -35.99
C PHE A 269 -18.64 -14.05 -36.26
N LEU A 270 -18.09 -15.25 -36.13
CA LEU A 270 -18.89 -16.45 -36.37
C LEU A 270 -20.01 -16.60 -35.36
N CYS A 271 -19.83 -16.10 -34.13
CA CYS A 271 -20.91 -16.20 -33.16
C CYS A 271 -22.05 -15.24 -33.48
N TRP A 272 -21.73 -13.98 -33.81
CA TRP A 272 -22.78 -12.98 -33.91
C TRP A 272 -23.20 -12.61 -35.33
N SER A 273 -22.66 -13.26 -36.36
CA SER A 273 -23.11 -12.88 -37.70
C SER A 273 -24.45 -13.48 -38.11
N PRO A 274 -24.63 -14.82 -38.07
CA PRO A 274 -25.86 -15.40 -38.64
C PRO A 274 -27.13 -14.92 -37.96
N TYR A 275 -27.10 -14.73 -36.63
CA TYR A 275 -28.30 -14.27 -35.95
C TYR A 275 -28.71 -12.88 -36.41
N GLN A 276 -27.74 -11.96 -36.54
CA GLN A 276 -28.06 -10.63 -37.03
C GLN A 276 -28.59 -10.68 -38.47
N VAL A 277 -27.99 -11.53 -39.30
CA VAL A 277 -28.43 -11.62 -40.69
C VAL A 277 -29.87 -12.10 -40.77
N VAL A 278 -30.19 -13.19 -40.05
CA VAL A 278 -31.54 -13.73 -40.11
C VAL A 278 -32.54 -12.80 -39.42
N ALA A 279 -32.12 -12.08 -38.39
CA ALA A 279 -33.01 -11.11 -37.76
C ALA A 279 -33.34 -9.97 -38.71
N LEU A 280 -32.35 -9.48 -39.47
CA LEU A 280 -32.64 -8.47 -40.47
C LEU A 280 -33.58 -9.01 -41.54
N ILE A 281 -33.35 -10.25 -41.98
CA ILE A 281 -34.23 -10.85 -42.97
C ILE A 281 -35.66 -10.93 -42.44
N ALA A 282 -35.82 -11.35 -41.18
CA ALA A 282 -37.14 -11.42 -40.58
C ALA A 282 -37.79 -10.04 -40.50
N THR A 283 -37.03 -9.02 -40.13
CA THR A 283 -37.58 -7.67 -40.06
C THR A 283 -37.98 -7.17 -41.44
N VAL A 284 -37.36 -7.67 -42.50
CA VAL A 284 -37.77 -7.30 -43.85
C VAL A 284 -39.20 -7.78 -44.12
N ARG A 285 -39.52 -9.01 -43.73
CA ARG A 285 -40.81 -9.62 -43.99
C ARG A 285 -41.62 -9.80 -42.71
N ILE A 286 -41.53 -8.83 -41.79
CA ILE A 286 -42.18 -9.00 -40.50
C ILE A 286 -43.70 -8.89 -40.62
N ARG A 287 -44.18 -8.00 -41.50
CA ARG A 287 -45.62 -7.83 -41.64
C ARG A 287 -46.29 -9.14 -42.06
N GLU A 288 -45.69 -9.85 -43.00
CA GLU A 288 -46.18 -11.19 -43.33
C GLU A 288 -46.02 -12.13 -42.15
N LEU A 289 -44.90 -12.02 -41.42
CA LEU A 289 -44.61 -12.98 -40.35
C LEU A 289 -45.67 -12.97 -39.27
N LEU A 290 -46.25 -11.80 -38.96
CA LEU A 290 -47.30 -11.76 -37.95
C LEU A 290 -48.54 -12.51 -38.39
N GLN A 291 -48.79 -12.60 -39.70
CA GLN A 291 -49.90 -13.40 -40.19
C GLN A 291 -49.60 -14.90 -40.12
N GLY A 292 -48.33 -15.28 -40.01
CA GLY A 292 -47.97 -16.65 -39.69
C GLY A 292 -47.84 -17.63 -40.84
N MET A 293 -46.96 -17.35 -41.80
CA MET A 293 -46.64 -18.32 -42.84
C MET A 293 -45.16 -18.63 -42.96
N TYR A 294 -44.28 -17.83 -42.36
CA TYR A 294 -42.84 -18.05 -42.46
C TYR A 294 -42.33 -18.78 -41.22
N LYS A 295 -42.78 -20.03 -41.07
CA LYS A 295 -42.34 -20.85 -39.96
C LYS A 295 -40.87 -21.21 -40.07
N GLU A 296 -40.33 -21.28 -41.30
CA GLU A 296 -38.91 -21.53 -41.48
C GLU A 296 -38.09 -20.45 -40.79
N ILE A 297 -38.47 -19.19 -40.98
CA ILE A 297 -37.81 -18.10 -40.27
C ILE A 297 -38.04 -18.23 -38.78
N GLY A 298 -39.21 -18.72 -38.38
CA GLY A 298 -39.50 -18.89 -36.96
C GLY A 298 -38.53 -19.83 -36.28
N ILE A 299 -38.15 -20.92 -36.94
CA ILE A 299 -37.20 -21.83 -36.32
C ILE A 299 -35.76 -21.35 -36.53
N ALA A 300 -35.48 -20.71 -37.67
CA ALA A 300 -34.13 -20.21 -37.91
C ALA A 300 -33.74 -19.14 -36.89
N VAL A 301 -34.69 -18.28 -36.52
CA VAL A 301 -34.39 -17.22 -35.56
C VAL A 301 -33.93 -17.81 -34.23
N ASP A 302 -34.65 -18.82 -33.74
CA ASP A 302 -34.28 -19.38 -32.44
C ASP A 302 -32.98 -20.17 -32.50
N VAL A 303 -32.76 -20.93 -33.58
CA VAL A 303 -31.51 -21.69 -33.65
C VAL A 303 -30.31 -20.75 -33.74
N THR A 304 -30.41 -19.70 -34.57
CA THR A 304 -29.34 -18.72 -34.64
C THR A 304 -29.20 -17.94 -33.34
N SER A 305 -30.30 -17.75 -32.60
CA SER A 305 -30.21 -17.08 -31.31
C SER A 305 -29.40 -17.92 -30.33
N ALA A 306 -29.61 -19.23 -30.33
CA ALA A 306 -28.79 -20.10 -29.48
C ALA A 306 -27.33 -20.04 -29.91
N LEU A 307 -27.07 -20.09 -31.22
CA LEU A 307 -25.70 -20.02 -31.70
C LEU A 307 -25.04 -18.71 -31.31
N ALA A 308 -25.81 -17.61 -31.29
CA ALA A 308 -25.27 -16.33 -30.84
C ALA A 308 -25.00 -16.34 -29.34
N PHE A 309 -25.95 -16.88 -28.56
CA PHE A 309 -25.78 -16.92 -27.12
C PHE A 309 -24.57 -17.74 -26.70
N PHE A 310 -24.10 -18.64 -27.58
CA PHE A 310 -22.88 -19.39 -27.29
C PHE A 310 -21.66 -18.48 -27.09
N ASN A 311 -21.70 -17.25 -27.59
CA ASN A 311 -20.53 -16.37 -27.48
C ASN A 311 -20.25 -16.01 -26.02
N SER A 312 -21.32 -15.82 -25.23
CA SER A 312 -21.12 -15.52 -23.82
C SER A 312 -20.44 -16.67 -23.09
N CYS A 313 -20.66 -17.90 -23.54
CA CYS A 313 -19.89 -19.03 -23.04
C CYS A 313 -18.43 -18.95 -23.51
N LEU A 314 -18.23 -18.57 -24.78
CA LEU A 314 -16.88 -18.60 -25.33
C LEU A 314 -15.97 -17.50 -24.77
N ASN A 315 -16.55 -16.40 -24.31
CA ASN A 315 -15.77 -15.21 -24.01
C ASN A 315 -14.68 -15.40 -22.95
N PRO A 316 -14.95 -15.94 -21.75
CA PRO A 316 -13.90 -15.98 -20.73
C PRO A 316 -12.66 -16.75 -21.16
N MET A 317 -12.85 -17.88 -21.83
CA MET A 317 -11.70 -18.68 -22.27
C MET A 317 -10.82 -17.89 -23.23
N LEU A 318 -11.45 -17.17 -24.17
CA LEU A 318 -10.68 -16.41 -25.15
C LEU A 318 -9.99 -15.20 -24.53
N TYR A 319 -10.61 -14.57 -23.54
CA TYR A 319 -10.11 -13.28 -23.06
C TYR A 319 -9.22 -13.38 -21.83
N VAL A 320 -9.66 -14.08 -20.78
CA VAL A 320 -8.92 -14.06 -19.52
C VAL A 320 -7.92 -15.19 -19.43
N PHE A 321 -8.37 -16.42 -19.68
CA PHE A 321 -7.51 -17.59 -19.48
C PHE A 321 -6.48 -17.77 -20.60
N MET A 322 -6.57 -16.99 -21.68
CA MET A 322 -5.51 -17.03 -22.68
C MET A 322 -4.22 -16.46 -22.11
N GLY A 323 -4.31 -15.54 -21.15
CA GLY A 323 -3.12 -15.04 -20.49
C GLY A 323 -2.54 -16.09 -19.56
N GLN A 324 -1.22 -16.25 -19.59
CA GLN A 324 -0.57 -17.28 -18.80
C GLN A 324 -0.68 -16.97 -17.31
N ASP A 325 -0.46 -15.71 -16.94
CA ASP A 325 -0.42 -15.31 -15.53
C ASP A 325 -1.73 -15.68 -14.83
N PHE A 326 -2.87 -15.45 -15.47
CA PHE A 326 -4.14 -15.83 -14.88
C PHE A 326 -4.24 -17.34 -14.69
N ARG A 327 -3.68 -18.10 -15.63
CA ARG A 327 -3.69 -19.56 -15.50
C ARG A 327 -2.92 -20.01 -14.27
N GLU A 328 -1.69 -19.49 -14.10
CA GLU A 328 -0.94 -19.85 -12.90
C GLU A 328 -1.62 -19.35 -11.64
N ARG A 329 -2.25 -18.17 -11.69
CA ARG A 329 -2.94 -17.66 -10.50
C ARG A 329 -4.08 -18.57 -10.09
N LEU A 330 -4.89 -19.00 -11.06
CA LEU A 330 -5.99 -19.92 -10.75
C LEU A 330 -5.47 -21.26 -10.25
N ILE A 331 -4.40 -21.77 -10.85
CA ILE A 331 -3.84 -23.05 -10.41
C ILE A 331 -3.33 -22.94 -8.97
N HIS A 332 -2.64 -21.84 -8.65
CA HIS A 332 -2.13 -21.65 -7.29
C HIS A 332 -3.28 -21.47 -6.30
N ALA A 333 -4.33 -20.75 -6.70
CA ALA A 333 -5.47 -20.57 -5.80
C ALA A 333 -6.19 -21.89 -5.53
N LEU A 334 -6.27 -22.76 -6.54
CA LEU A 334 -6.90 -24.05 -6.36
C LEU A 334 -6.38 -25.06 -7.38
N LEU B 5 -21.80 1.04 17.95
CA LEU B 5 -21.33 1.68 16.73
C LEU B 5 -20.11 2.55 16.98
N SER B 6 -20.16 3.78 16.51
CA SER B 6 -19.05 4.73 16.62
C SER B 6 -19.58 6.07 17.11
N ALA B 7 -18.84 6.73 18.00
CA ALA B 7 -19.24 8.00 18.56
C ALA B 7 -18.31 9.13 18.14
N GLU B 8 -17.02 9.01 18.41
CA GLU B 8 -16.02 9.96 17.97
C GLU B 8 -15.09 9.36 16.91
N ASP B 9 -15.23 8.07 16.63
CA ASP B 9 -14.40 7.40 15.64
C ASP B 9 -14.77 7.75 14.21
N LYS B 10 -15.93 8.35 13.98
CA LYS B 10 -16.33 8.72 12.63
C LYS B 10 -15.39 9.78 12.05
N ALA B 11 -14.93 10.72 12.88
CA ALA B 11 -13.97 11.71 12.41
C ALA B 11 -12.64 11.06 12.10
N ALA B 12 -12.22 10.07 12.90
CA ALA B 12 -11.00 9.33 12.60
C ALA B 12 -11.12 8.59 11.27
N VAL B 13 -12.29 8.00 11.02
CA VAL B 13 -12.51 7.29 9.75
C VAL B 13 -12.48 8.26 8.58
N GLU B 14 -13.05 9.45 8.76
CA GLU B 14 -12.98 10.46 7.71
C GLU B 14 -11.54 10.86 7.43
N ARG B 15 -10.75 11.04 8.49
CA ARG B 15 -9.33 11.35 8.32
C ARG B 15 -8.61 10.24 7.55
N SER B 16 -8.90 8.99 7.91
CA SER B 16 -8.27 7.86 7.22
C SER B 16 -8.65 7.84 5.74
N LYS B 17 -9.92 8.12 5.43
CA LYS B 17 -10.35 8.12 4.04
C LYS B 17 -9.67 9.22 3.24
N MET B 18 -9.55 10.41 3.81
CA MET B 18 -8.85 11.47 3.10
C MET B 18 -7.37 11.12 2.90
N ILE B 19 -6.77 10.48 3.89
CA ILE B 19 -5.38 10.04 3.74
C ILE B 19 -5.27 9.03 2.61
N ASP B 20 -6.20 8.07 2.54
CA ASP B 20 -6.17 7.07 1.46
C ASP B 20 -6.30 7.73 0.11
N ARG B 21 -7.18 8.73 -0.02
CA ARG B 21 -7.31 9.45 -1.26
C ARG B 21 -6.00 10.14 -1.65
N ASN B 22 -5.33 10.76 -0.67
CA ASN B 22 -4.08 11.45 -0.97
C ASN B 22 -3.00 10.48 -1.43
N LEU B 23 -2.88 9.32 -0.76
CA LEU B 23 -1.92 8.31 -1.21
C LEU B 23 -2.23 7.80 -2.61
N ARG B 24 -3.51 7.55 -2.92
CA ARG B 24 -3.82 7.08 -4.27
C ARG B 24 -3.45 8.12 -5.32
N GLU B 25 -3.75 9.39 -5.04
CA GLU B 25 -3.39 10.45 -6.00
C GLU B 25 -1.88 10.54 -6.17
N ASP B 26 -1.13 10.52 -5.07
CA ASP B 26 0.32 10.63 -5.16
C ASP B 26 0.92 9.43 -5.88
N GLY B 27 0.41 8.23 -5.61
CA GLY B 27 0.92 7.04 -6.28
C GLY B 27 0.66 7.06 -7.77
N GLU B 28 -0.55 7.46 -8.17
CA GLU B 28 -0.84 7.51 -9.60
C GLU B 28 -0.14 8.67 -10.29
N LYS B 29 0.28 9.69 -9.55
CA LYS B 29 1.13 10.73 -10.14
C LYS B 29 2.57 10.27 -10.27
N ALA B 30 3.07 9.48 -9.32
CA ALA B 30 4.46 9.05 -9.32
C ALA B 30 4.70 7.80 -10.17
N ALA B 31 3.64 7.09 -10.58
CA ALA B 31 3.80 5.92 -11.42
C ALA B 31 3.68 6.23 -12.90
N ARG B 32 4.03 7.45 -13.31
CA ARG B 32 3.98 7.85 -14.70
C ARG B 32 5.36 8.22 -15.24
N GLU B 33 6.43 7.99 -14.48
CA GLU B 33 7.76 8.39 -14.86
C GLU B 33 8.59 7.17 -15.23
N VAL B 34 9.39 7.31 -16.29
CA VAL B 34 10.20 6.20 -16.78
C VAL B 34 11.49 6.15 -15.98
N LYS B 35 11.77 4.99 -15.40
CA LYS B 35 12.92 4.80 -14.52
C LYS B 35 14.09 4.21 -15.28
N LEU B 36 15.23 4.89 -15.25
CA LEU B 36 16.46 4.42 -15.87
C LEU B 36 17.54 4.35 -14.80
N LEU B 37 18.25 3.23 -14.76
CA LEU B 37 19.36 3.04 -13.83
C LEU B 37 20.67 3.12 -14.61
N LEU B 38 21.59 3.97 -14.15
CA LEU B 38 22.82 4.23 -14.89
C LEU B 38 23.97 3.45 -14.25
N LEU B 39 24.75 2.75 -15.06
CA LEU B 39 25.87 1.96 -14.58
C LEU B 39 27.05 2.13 -15.52
N GLY B 40 28.24 1.90 -14.98
CA GLY B 40 29.44 2.01 -15.78
C GLY B 40 30.66 1.63 -14.97
N ALA B 41 31.82 1.92 -15.54
CA ALA B 41 33.10 1.70 -14.89
C ALA B 41 33.70 3.03 -14.47
N GLY B 42 34.93 2.97 -13.93
CA GLY B 42 35.62 4.17 -13.51
C GLY B 42 35.85 5.15 -14.64
N GLU B 43 35.46 6.42 -14.43
CA GLU B 43 35.59 7.51 -15.38
C GLU B 43 35.23 7.11 -16.81
N SER B 44 34.22 6.26 -16.95
CA SER B 44 33.81 5.78 -18.27
C SER B 44 32.70 6.65 -18.86
N GLY B 45 32.93 7.95 -18.90
CA GLY B 45 32.01 8.86 -19.56
C GLY B 45 30.64 9.00 -18.93
N LYS B 46 30.45 8.48 -17.71
CA LYS B 46 29.15 8.62 -17.06
C LYS B 46 28.82 10.09 -16.81
N SER B 47 29.81 10.88 -16.40
CA SER B 47 29.59 12.30 -16.19
C SER B 47 29.22 12.99 -17.50
N THR B 48 29.88 12.63 -18.60
CA THR B 48 29.56 13.22 -19.89
C THR B 48 28.14 12.87 -20.31
N ILE B 49 27.73 11.61 -20.13
CA ILE B 49 26.37 11.22 -20.47
C ILE B 49 25.35 11.96 -19.63
N VAL B 50 25.63 12.09 -18.32
CA VAL B 50 24.71 12.81 -17.44
C VAL B 50 24.58 14.26 -17.87
N LYS B 51 25.71 14.91 -18.16
CA LYS B 51 25.68 16.32 -18.56
C LYS B 51 24.97 16.49 -19.90
N GLN B 52 25.11 15.52 -20.80
CA GLN B 52 24.57 15.66 -22.15
C GLN B 52 23.05 15.62 -22.18
N MET B 53 22.41 15.24 -21.07
CA MET B 53 20.96 15.18 -21.04
C MET B 53 20.37 16.59 -21.05
N LYS B 54 19.07 16.66 -21.37
CA LYS B 54 18.39 17.96 -21.43
C LYS B 54 18.38 18.64 -20.08
N ILE B 55 17.92 17.93 -19.04
CA ILE B 55 17.89 18.42 -17.67
C ILE B 55 17.15 19.76 -17.56
N VAL B 179 28.62 17.45 0.59
CA VAL B 179 27.25 17.94 0.60
C VAL B 179 26.31 16.87 1.14
N LYS B 180 25.04 16.93 0.73
CA LYS B 180 24.02 16.02 1.18
C LYS B 180 23.77 14.93 0.14
N THR B 181 23.33 13.76 0.63
CA THR B 181 22.95 12.62 -0.21
C THR B 181 24.08 12.22 -1.15
N THR B 182 25.19 11.77 -0.54
CA THR B 182 26.34 11.34 -1.32
C THR B 182 26.09 10.03 -2.05
N GLY B 183 25.17 9.20 -1.56
CA GLY B 183 24.97 7.87 -2.11
C GLY B 183 24.36 7.83 -3.50
N ILE B 184 23.11 8.25 -3.63
CA ILE B 184 22.38 8.16 -4.89
C ILE B 184 22.15 9.57 -5.42
N VAL B 185 22.42 9.77 -6.71
CA VAL B 185 22.15 11.03 -7.38
C VAL B 185 21.03 10.80 -8.37
N GLU B 186 19.92 11.50 -8.18
CA GLU B 186 18.74 11.36 -9.04
C GLU B 186 18.66 12.55 -9.98
N THR B 187 18.61 12.28 -11.28
CA THR B 187 18.42 13.30 -12.29
C THR B 187 17.03 13.16 -12.87
N HIS B 188 16.40 14.29 -13.18
CA HIS B 188 15.02 14.33 -13.65
C HIS B 188 14.97 15.23 -14.88
N PHE B 189 14.59 14.66 -16.02
CA PHE B 189 14.44 15.45 -17.23
C PHE B 189 13.20 15.02 -17.99
N THR B 190 12.93 15.68 -19.11
CA THR B 190 11.70 15.46 -19.85
C THR B 190 11.98 15.66 -21.33
N PHE B 191 11.63 14.65 -22.13
CA PHE B 191 11.83 14.69 -23.57
C PHE B 191 10.57 14.24 -24.28
N LYS B 192 10.07 15.09 -25.17
CA LYS B 192 8.91 14.79 -26.01
C LYS B 192 7.74 14.25 -25.19
N ASP B 193 7.38 15.00 -24.15
CA ASP B 193 6.24 14.68 -23.28
C ASP B 193 6.43 13.39 -22.50
N LEU B 194 7.67 12.91 -22.38
CA LEU B 194 7.97 11.75 -21.56
C LEU B 194 8.88 12.17 -20.43
N HIS B 195 8.51 11.82 -19.20
CA HIS B 195 9.23 12.24 -17.99
C HIS B 195 10.21 11.14 -17.60
N PHE B 196 11.50 11.40 -17.75
CA PHE B 196 12.54 10.44 -17.45
C PHE B 196 13.18 10.76 -16.11
N LYS B 197 13.45 9.71 -15.33
CA LYS B 197 14.12 9.84 -14.04
C LYS B 197 15.24 8.81 -14.00
N MET B 198 16.47 9.28 -13.82
CA MET B 198 17.67 8.45 -13.91
C MET B 198 18.38 8.42 -12.56
N PHE B 199 18.77 7.22 -12.14
CA PHE B 199 19.46 7.02 -10.87
C PHE B 199 20.92 6.69 -11.15
N ASP B 200 21.82 7.52 -10.66
CA ASP B 200 23.26 7.26 -10.70
C ASP B 200 23.68 6.83 -9.30
N VAL B 201 24.19 5.60 -9.19
CA VAL B 201 24.49 4.99 -7.90
C VAL B 201 25.95 4.57 -7.83
N GLY B 202 26.79 5.10 -8.71
CA GLY B 202 28.20 4.74 -8.72
C GLY B 202 28.94 5.16 -7.47
N GLY B 203 28.43 6.15 -6.74
CA GLY B 203 29.07 6.59 -5.52
C GLY B 203 28.55 5.91 -4.27
N GLN B 204 28.57 4.58 -4.24
CA GLN B 204 28.12 3.81 -3.09
C GLN B 204 29.25 3.04 -2.42
N ARG B 205 30.01 2.26 -3.18
CA ARG B 205 31.19 1.54 -2.68
C ARG B 205 30.80 0.58 -1.56
N SER B 206 29.95 -0.39 -1.91
CA SER B 206 29.55 -1.45 -1.01
C SER B 206 29.13 -2.64 -1.86
N GLU B 207 28.72 -3.72 -1.18
CA GLU B 207 28.35 -4.95 -1.89
C GLU B 207 27.05 -4.73 -2.66
N ARG B 208 27.10 -4.94 -3.98
CA ARG B 208 25.92 -4.73 -4.80
C ARG B 208 24.84 -5.78 -4.53
N LYS B 209 25.23 -6.97 -4.09
CA LYS B 209 24.26 -8.05 -3.91
C LYS B 209 23.29 -7.79 -2.76
N LYS B 210 23.55 -6.78 -1.92
CA LYS B 210 22.68 -6.49 -0.79
C LYS B 210 21.66 -5.39 -1.08
N TRP B 211 21.92 -4.51 -2.04
CA TRP B 211 21.00 -3.43 -2.35
C TRP B 211 20.59 -3.37 -3.82
N ILE B 212 21.02 -4.32 -4.65
CA ILE B 212 20.69 -4.27 -6.07
C ILE B 212 19.25 -4.64 -6.34
N HIS B 213 18.60 -5.40 -5.45
CA HIS B 213 17.22 -5.80 -5.70
C HIS B 213 16.24 -4.66 -5.49
N CYS B 214 16.68 -3.52 -4.95
CA CYS B 214 15.80 -2.37 -4.83
C CYS B 214 15.38 -1.84 -6.19
N PHE B 215 16.20 -2.06 -7.22
CA PHE B 215 15.94 -1.56 -8.56
C PHE B 215 15.31 -2.62 -9.46
N GLU B 216 14.51 -3.52 -8.90
CA GLU B 216 13.94 -4.60 -9.68
C GLU B 216 12.93 -4.09 -10.71
N GLY B 217 12.30 -2.94 -10.46
CA GLY B 217 11.24 -2.47 -11.33
C GLY B 217 11.64 -1.37 -12.29
N VAL B 218 12.94 -1.18 -12.51
CA VAL B 218 13.38 -0.12 -13.41
C VAL B 218 12.99 -0.43 -14.84
N THR B 219 12.60 0.60 -15.59
CA THR B 219 12.23 0.39 -16.98
C THR B 219 13.44 0.05 -17.84
N ALA B 220 14.56 0.75 -17.62
CA ALA B 220 15.72 0.49 -18.47
C ALA B 220 17.01 0.63 -17.67
N ILE B 221 18.05 0.00 -18.19
CA ILE B 221 19.40 0.07 -17.62
C ILE B 221 20.32 0.65 -18.68
N ILE B 222 20.87 1.83 -18.41
CA ILE B 222 21.89 2.43 -19.25
C ILE B 222 23.25 1.94 -18.79
N PHE B 223 24.10 1.55 -19.72
CA PHE B 223 25.44 1.09 -19.44
C PHE B 223 26.43 1.92 -20.24
N CYS B 224 27.51 2.35 -19.60
CA CYS B 224 28.52 3.17 -20.25
C CYS B 224 29.84 2.40 -20.32
N VAL B 225 30.49 2.45 -21.48
CA VAL B 225 31.79 1.82 -21.67
C VAL B 225 32.68 2.75 -22.48
N ALA B 226 33.91 2.95 -22.02
CA ALA B 226 34.90 3.77 -22.70
C ALA B 226 35.68 2.91 -23.68
N LEU B 227 35.52 3.18 -24.97
CA LEU B 227 36.20 2.40 -26.01
C LEU B 227 37.71 2.62 -26.02
N SER B 228 38.21 3.62 -25.29
CA SER B 228 39.61 4.04 -25.40
C SER B 228 40.56 3.04 -24.74
N ASP B 229 40.53 1.82 -25.27
CA ASP B 229 41.49 0.79 -24.88
C ASP B 229 42.11 0.13 -26.12
N GLU B 239 44.00 1.81 -19.70
CA GLU B 239 44.49 0.89 -20.72
C GLU B 239 44.83 -0.47 -20.10
N MET B 240 45.00 -0.50 -18.79
CA MET B 240 45.39 -1.73 -18.09
C MET B 240 44.19 -2.67 -18.01
N ASN B 241 44.01 -3.43 -19.09
CA ASN B 241 42.97 -4.46 -19.24
C ASN B 241 41.61 -4.03 -18.70
N ARG B 242 41.26 -2.76 -18.89
CA ARG B 242 39.98 -2.26 -18.42
C ARG B 242 38.82 -2.97 -19.11
N MET B 243 38.99 -3.32 -20.39
CA MET B 243 37.95 -4.01 -21.12
C MET B 243 37.56 -5.32 -20.45
N HIS B 244 38.53 -6.06 -19.93
CA HIS B 244 38.20 -7.35 -19.32
C HIS B 244 37.35 -7.17 -18.07
N GLU B 245 37.67 -6.21 -17.22
CA GLU B 245 36.86 -6.02 -16.02
C GLU B 245 35.50 -5.39 -16.36
N SER B 246 35.45 -4.56 -17.40
CA SER B 246 34.15 -4.05 -17.85
C SER B 246 33.28 -5.19 -18.37
N MET B 247 33.86 -6.11 -19.12
CA MET B 247 33.11 -7.28 -19.59
C MET B 247 32.67 -8.15 -18.42
N LYS B 248 33.53 -8.30 -17.41
CA LYS B 248 33.14 -9.06 -16.23
C LYS B 248 31.94 -8.43 -15.52
N LEU B 249 31.97 -7.11 -15.35
CA LEU B 249 30.86 -6.43 -14.70
C LEU B 249 29.58 -6.54 -15.54
N PHE B 250 29.71 -6.40 -16.87
CA PHE B 250 28.56 -6.55 -17.74
C PHE B 250 27.98 -7.95 -17.67
N ASP B 251 28.83 -8.97 -17.62
CA ASP B 251 28.35 -10.34 -17.49
C ASP B 251 27.64 -10.53 -16.15
N SER B 252 28.16 -9.90 -15.09
CA SER B 252 27.54 -10.04 -13.77
C SER B 252 26.18 -9.32 -13.72
N ILE B 253 26.04 -8.20 -14.41
CA ILE B 253 24.81 -7.43 -14.30
C ILE B 253 23.76 -7.85 -15.33
N CYS B 254 24.18 -8.41 -16.46
CA CYS B 254 23.23 -8.81 -17.49
C CYS B 254 22.53 -10.12 -17.15
N ASN B 255 23.21 -11.03 -16.45
CA ASN B 255 22.69 -12.34 -16.13
C ASN B 255 22.19 -12.44 -14.70
N ASN B 256 21.97 -11.30 -14.04
CA ASN B 256 21.49 -11.31 -12.67
C ASN B 256 20.06 -11.86 -12.60
N LYS B 257 19.75 -12.49 -11.46
CA LYS B 257 18.44 -13.09 -11.28
C LYS B 257 17.32 -12.06 -11.20
N TRP B 258 17.64 -10.78 -10.96
CA TRP B 258 16.62 -9.75 -10.86
C TRP B 258 16.33 -9.07 -12.19
N PHE B 259 17.36 -8.83 -13.00
CA PHE B 259 17.21 -8.05 -14.22
C PHE B 259 16.88 -8.92 -15.44
N THR B 260 15.85 -9.73 -15.29
CA THR B 260 15.24 -10.45 -16.40
C THR B 260 14.00 -9.68 -16.84
N ASP B 261 13.79 -9.60 -18.15
CA ASP B 261 12.77 -8.81 -18.85
C ASP B 261 13.17 -7.33 -18.94
N THR B 262 14.31 -6.93 -18.42
CA THR B 262 14.76 -5.53 -18.46
C THR B 262 15.76 -5.37 -19.59
N SER B 263 15.41 -4.58 -20.59
CA SER B 263 16.31 -4.29 -21.68
C SER B 263 17.54 -3.53 -21.19
N ILE B 264 18.59 -3.55 -21.98
CA ILE B 264 19.85 -2.90 -21.64
C ILE B 264 20.27 -2.01 -22.79
N ILE B 265 20.39 -0.72 -22.53
CA ILE B 265 20.96 0.22 -23.49
C ILE B 265 22.45 0.30 -23.21
N LEU B 266 23.26 0.29 -24.27
CA LEU B 266 24.72 0.25 -24.13
C LEU B 266 25.33 1.37 -24.95
N PHE B 267 26.22 2.13 -24.33
CA PHE B 267 26.93 3.23 -24.98
C PHE B 267 28.42 2.89 -25.01
N LEU B 268 29.03 3.06 -26.17
CA LEU B 268 30.48 3.00 -26.33
C LEU B 268 30.93 4.41 -26.66
N ASN B 269 31.40 5.15 -25.65
CA ASN B 269 31.44 6.60 -25.76
C ASN B 269 32.80 7.15 -26.19
N LYS B 270 33.91 6.64 -25.65
CA LYS B 270 35.22 7.23 -25.94
C LYS B 270 35.72 6.81 -27.32
N LYS B 271 34.94 7.16 -28.33
CA LYS B 271 35.24 6.80 -29.72
C LYS B 271 36.00 7.89 -30.47
N ASP B 272 36.19 9.07 -29.87
CA ASP B 272 36.89 10.15 -30.56
C ASP B 272 38.35 9.79 -30.81
N LEU B 273 39.03 9.23 -29.81
CA LEU B 273 40.45 8.90 -29.93
C LEU B 273 40.69 7.42 -30.12
N PHE B 274 39.64 6.63 -30.37
CA PHE B 274 39.83 5.20 -30.60
C PHE B 274 40.64 4.94 -31.86
N GLU B 275 40.40 5.72 -32.92
CA GLU B 275 41.16 5.54 -34.14
C GLU B 275 42.64 5.88 -33.94
N GLU B 276 42.93 6.93 -33.17
CA GLU B 276 44.32 7.23 -32.83
C GLU B 276 44.93 6.07 -32.03
N LYS B 277 44.20 5.53 -31.06
CA LYS B 277 44.72 4.44 -30.26
C LYS B 277 45.01 3.21 -31.11
N ILE B 278 44.11 2.87 -32.03
CA ILE B 278 44.32 1.67 -32.84
C ILE B 278 45.43 1.89 -33.86
N LYS B 279 45.58 3.12 -34.38
CA LYS B 279 46.67 3.35 -35.32
C LYS B 279 48.03 3.43 -34.64
N LYS B 280 48.05 3.79 -33.35
CA LYS B 280 49.30 3.80 -32.60
C LYS B 280 49.54 2.52 -31.82
N SER B 281 48.59 1.58 -31.80
CA SER B 281 48.72 0.36 -31.03
C SER B 281 47.68 -0.65 -31.51
N PRO B 282 48.04 -1.93 -31.64
CA PRO B 282 47.08 -2.91 -32.13
C PRO B 282 46.20 -3.51 -31.03
N LEU B 283 45.05 -4.01 -31.47
CA LEU B 283 44.02 -4.50 -30.57
C LEU B 283 44.32 -5.89 -30.03
N THR B 284 45.33 -6.58 -30.57
CA THR B 284 45.61 -7.94 -30.15
C THR B 284 46.04 -8.04 -28.70
N ILE B 285 46.46 -6.92 -28.09
CA ILE B 285 46.85 -6.97 -26.68
C ILE B 285 45.64 -7.25 -25.79
N CYS B 286 44.50 -6.63 -26.10
CA CYS B 286 43.28 -6.92 -25.35
C CYS B 286 42.74 -8.30 -25.70
N TYR B 287 42.69 -8.63 -26.98
CA TYR B 287 42.16 -9.91 -27.46
C TYR B 287 43.22 -10.62 -28.30
N PRO B 288 43.99 -11.54 -27.71
CA PRO B 288 44.98 -12.28 -28.53
C PRO B 288 44.36 -13.06 -29.66
N GLU B 289 43.13 -13.56 -29.50
CA GLU B 289 42.47 -14.32 -30.55
C GLU B 289 42.02 -13.44 -31.72
N TYR B 290 42.10 -12.13 -31.59
CA TYR B 290 41.67 -11.23 -32.66
C TYR B 290 42.54 -11.45 -33.90
N ALA B 291 41.89 -11.69 -35.03
CA ALA B 291 42.57 -12.00 -36.28
C ALA B 291 41.98 -11.21 -37.44
N GLY B 292 41.79 -9.90 -37.23
CA GLY B 292 41.21 -9.04 -38.23
C GLY B 292 42.10 -7.84 -38.53
N SER B 293 41.61 -7.00 -39.42
CA SER B 293 42.34 -5.80 -39.81
C SER B 293 42.35 -4.78 -38.68
N ASN B 294 43.24 -3.80 -38.79
CA ASN B 294 43.38 -2.74 -37.80
C ASN B 294 42.68 -1.45 -38.22
N THR B 295 41.56 -1.57 -38.92
CA THR B 295 40.76 -0.41 -39.29
C THR B 295 39.73 -0.11 -38.20
N TYR B 296 39.24 1.13 -38.21
CA TYR B 296 38.33 1.59 -37.17
C TYR B 296 37.03 0.78 -37.16
N GLU B 297 36.40 0.62 -38.32
CA GLU B 297 35.05 0.05 -38.35
C GLU B 297 35.05 -1.42 -37.94
N GLU B 298 36.03 -2.16 -38.40
CA GLU B 298 36.04 -3.58 -38.08
C GLU B 298 36.32 -3.79 -36.61
N ALA B 299 37.27 -3.06 -36.09
CA ALA B 299 37.58 -3.18 -34.66
C ALA B 299 36.38 -2.79 -33.80
N ALA B 300 35.69 -1.71 -34.17
CA ALA B 300 34.51 -1.30 -33.42
C ALA B 300 33.43 -2.36 -33.45
N ALA B 301 33.18 -2.93 -34.65
CA ALA B 301 32.18 -3.99 -34.75
C ALA B 301 32.59 -5.21 -33.95
N TYR B 302 33.88 -5.55 -33.95
CA TYR B 302 34.35 -6.69 -33.18
C TYR B 302 34.13 -6.48 -31.69
N ILE B 303 34.44 -5.28 -31.19
CA ILE B 303 34.22 -5.00 -29.77
C ILE B 303 32.73 -5.03 -29.45
N GLN B 304 31.89 -4.47 -30.32
CA GLN B 304 30.46 -4.45 -30.08
C GLN B 304 29.90 -5.86 -30.00
N CYS B 305 30.26 -6.73 -30.95
CA CYS B 305 29.74 -8.08 -30.90
C CYS B 305 30.33 -8.87 -29.74
N GLN B 306 31.58 -8.58 -29.37
CA GLN B 306 32.17 -9.23 -28.21
C GLN B 306 31.38 -8.91 -26.95
N PHE B 307 31.01 -7.64 -26.77
CA PHE B 307 30.17 -7.27 -25.63
C PHE B 307 28.79 -7.91 -25.72
N GLU B 308 28.18 -7.89 -26.91
CA GLU B 308 26.82 -8.37 -27.05
C GLU B 308 26.70 -9.88 -26.92
N ASP B 309 27.80 -10.61 -27.09
CA ASP B 309 27.75 -12.06 -26.95
C ASP B 309 27.70 -12.54 -25.50
N LEU B 310 27.91 -11.65 -24.53
CA LEU B 310 27.81 -12.06 -23.13
C LEU B 310 26.38 -12.37 -22.72
N ASN B 311 25.39 -11.92 -23.49
CA ASN B 311 24.00 -12.22 -23.16
C ASN B 311 23.75 -13.71 -23.21
N LYS B 312 22.96 -14.20 -22.25
CA LYS B 312 22.61 -15.62 -22.18
C LYS B 312 21.21 -15.90 -22.68
N ARG B 313 20.25 -15.04 -22.37
CA ARG B 313 18.86 -15.21 -22.78
C ARG B 313 18.59 -14.28 -23.95
N LYS B 314 18.90 -14.75 -25.17
CA LYS B 314 18.73 -13.93 -26.35
C LYS B 314 17.28 -13.65 -26.67
N ASP B 315 16.34 -14.40 -26.07
CA ASP B 315 14.92 -14.25 -26.37
C ASP B 315 14.18 -13.34 -25.40
N THR B 316 14.71 -13.15 -24.19
CA THR B 316 14.04 -12.36 -23.17
C THR B 316 14.45 -10.89 -23.21
N LYS B 317 15.74 -10.62 -23.01
CA LYS B 317 16.23 -9.26 -23.05
C LYS B 317 16.41 -8.81 -24.49
N GLU B 318 16.84 -7.55 -24.66
CA GLU B 318 17.14 -7.02 -25.98
C GLU B 318 18.16 -5.91 -25.79
N ILE B 319 19.42 -6.22 -26.06
CA ILE B 319 20.50 -5.25 -25.89
C ILE B 319 20.51 -4.29 -27.07
N TYR B 320 20.44 -3.00 -26.78
CA TYR B 320 20.62 -1.97 -27.80
C TYR B 320 22.02 -1.40 -27.67
N THR B 321 22.61 -1.05 -28.80
CA THR B 321 24.00 -0.58 -28.84
C THR B 321 24.07 0.76 -29.52
N HIS B 322 24.98 1.61 -29.05
CA HIS B 322 25.16 2.93 -29.65
C HIS B 322 26.60 3.37 -29.53
N PHE B 323 27.07 4.10 -30.54
CA PHE B 323 28.37 4.73 -30.57
C PHE B 323 28.15 6.23 -30.41
N THR B 324 28.34 6.73 -29.20
CA THR B 324 28.05 8.13 -28.91
C THR B 324 29.32 8.97 -28.90
N CYS B 325 29.13 10.27 -29.06
CA CYS B 325 30.21 11.24 -29.21
C CYS B 325 29.73 12.56 -28.63
N ALA B 326 30.39 13.65 -29.00
CA ALA B 326 30.01 14.98 -28.53
C ALA B 326 28.61 15.37 -29.02
N THR B 327 27.99 14.51 -29.82
CA THR B 327 26.61 14.75 -30.24
C THR B 327 25.65 14.48 -29.08
N ASP B 328 24.53 15.21 -29.07
CA ASP B 328 23.54 15.14 -28.01
C ASP B 328 22.20 14.62 -28.49
N THR B 329 21.67 15.20 -29.57
CA THR B 329 20.36 14.78 -30.08
C THR B 329 20.34 13.29 -30.38
N LYS B 330 21.45 12.76 -30.90
CA LYS B 330 21.52 11.32 -31.15
C LYS B 330 21.35 10.54 -29.86
N ASN B 331 22.02 10.97 -28.79
CA ASN B 331 21.93 10.25 -27.53
C ASN B 331 20.51 10.26 -26.98
N VAL B 332 19.92 11.45 -26.89
CA VAL B 332 18.59 11.54 -26.29
C VAL B 332 17.56 10.83 -27.15
N GLN B 333 17.66 10.95 -28.47
CA GLN B 333 16.70 10.28 -29.35
C GLN B 333 16.86 8.77 -29.29
N PHE B 334 18.09 8.28 -29.18
CA PHE B 334 18.30 6.84 -29.05
C PHE B 334 17.68 6.32 -27.76
N VAL B 335 17.88 7.04 -26.65
CA VAL B 335 17.27 6.62 -25.39
C VAL B 335 15.75 6.64 -25.51
N PHE B 336 15.20 7.68 -26.15
CA PHE B 336 13.76 7.78 -26.30
C PHE B 336 13.20 6.63 -27.13
N ASP B 337 13.88 6.27 -28.24
CA ASP B 337 13.40 5.19 -29.08
C ASP B 337 13.46 3.85 -28.34
N ALA B 338 14.55 3.58 -27.63
CA ALA B 338 14.63 2.32 -26.89
C ALA B 338 13.55 2.25 -25.80
N VAL B 339 13.31 3.38 -25.12
CA VAL B 339 12.28 3.40 -24.08
C VAL B 339 10.90 3.17 -24.68
N THR B 340 10.63 3.79 -25.83
CA THR B 340 9.34 3.58 -26.49
C THR B 340 9.15 2.11 -26.89
N ASP B 341 10.20 1.50 -27.43
CA ASP B 341 10.10 0.10 -27.84
C ASP B 341 9.83 -0.81 -26.64
N VAL B 342 10.57 -0.60 -25.54
CA VAL B 342 10.36 -1.47 -24.39
C VAL B 342 9.00 -1.20 -23.75
N ILE B 343 8.50 0.04 -23.84
CA ILE B 343 7.17 0.34 -23.32
C ILE B 343 6.11 -0.40 -24.12
N ILE B 344 6.24 -0.39 -25.45
CA ILE B 344 5.29 -1.12 -26.29
C ILE B 344 5.32 -2.60 -25.97
N LYS B 345 6.52 -3.17 -25.82
CA LYS B 345 6.62 -4.59 -25.49
C LYS B 345 5.99 -4.91 -24.14
N ASN B 346 6.21 -4.04 -23.15
CA ASN B 346 5.61 -4.26 -21.84
C ASN B 346 4.09 -4.18 -21.90
N ASN B 347 3.55 -3.24 -22.68
CA ASN B 347 2.11 -3.15 -22.84
C ASN B 347 1.55 -4.41 -23.50
N LEU B 348 2.23 -4.91 -24.53
CA LEU B 348 1.79 -6.14 -25.17
C LEU B 348 1.81 -7.31 -24.19
N LYS B 349 2.87 -7.41 -23.37
CA LYS B 349 2.92 -8.48 -22.39
C LYS B 349 1.84 -8.34 -21.33
N ASP B 350 1.47 -7.10 -20.99
CA ASP B 350 0.43 -6.87 -19.99
C ASP B 350 -0.94 -7.25 -20.53
N CYS B 351 -1.23 -6.91 -21.79
CA CYS B 351 -2.55 -7.13 -22.36
C CYS B 351 -2.77 -8.57 -22.82
N GLY B 352 -1.93 -9.51 -22.40
CA GLY B 352 -2.13 -10.91 -22.71
C GLY B 352 -1.68 -11.35 -24.08
N LEU B 353 -1.62 -10.44 -25.05
CA LEU B 353 -1.30 -10.79 -26.43
C LEU B 353 0.12 -11.29 -26.62
N PHE B 354 0.94 -11.32 -25.58
CA PHE B 354 2.35 -11.68 -25.71
C PHE B 354 2.67 -12.93 -24.90
N ASP C 22 54.48 -12.88 8.87
CA ASP C 22 54.55 -11.98 10.01
C ASP C 22 54.37 -12.74 11.33
N GLN C 23 55.16 -12.37 12.33
CA GLN C 23 55.05 -13.00 13.64
C GLN C 23 53.71 -12.68 14.32
N LEU C 24 53.18 -11.48 14.09
CA LEU C 24 51.91 -11.11 14.71
C LEU C 24 50.76 -11.95 14.14
N ARG C 25 50.81 -12.29 12.86
CA ARG C 25 49.78 -13.15 12.29
C ARG C 25 49.80 -14.53 12.94
N GLN C 26 50.99 -15.09 13.17
CA GLN C 26 51.09 -16.38 13.84
C GLN C 26 50.64 -16.30 15.29
N GLU C 27 50.96 -15.18 15.97
CA GLU C 27 50.47 -14.99 17.32
C GLU C 27 48.95 -14.92 17.37
N ALA C 28 48.35 -14.22 16.40
CA ALA C 28 46.90 -14.14 16.33
C ALA C 28 46.29 -15.52 16.06
N GLU C 29 46.91 -16.30 15.19
CA GLU C 29 46.43 -17.65 14.93
C GLU C 29 46.50 -18.52 16.18
N GLN C 30 47.60 -18.43 16.93
CA GLN C 30 47.72 -19.18 18.17
C GLN C 30 46.68 -18.75 19.18
N LEU C 31 46.43 -17.44 19.29
CA LEU C 31 45.42 -16.95 20.21
C LEU C 31 44.02 -17.43 19.82
N LYS C 32 43.72 -17.43 18.52
CA LYS C 32 42.43 -17.94 18.06
C LYS C 32 42.30 -19.43 18.37
N ASN C 33 43.38 -20.19 18.18
CA ASN C 33 43.34 -21.61 18.50
C ASN C 33 43.11 -21.82 19.99
N GLN C 34 43.75 -21.02 20.83
CA GLN C 34 43.54 -21.11 22.28
C GLN C 34 42.11 -20.77 22.64
N ILE C 35 41.53 -19.75 22.00
CA ILE C 35 40.14 -19.39 22.27
C ILE C 35 39.20 -20.53 21.89
N ARG C 36 39.43 -21.12 20.72
CA ARG C 36 38.58 -22.25 20.30
C ARG C 36 38.72 -23.43 21.25
N ASP C 37 39.94 -23.71 21.70
CA ASP C 37 40.16 -24.81 22.63
C ASP C 37 39.44 -24.55 23.95
N ALA C 38 39.50 -23.31 24.46
CA ALA C 38 38.80 -22.98 25.69
C ALA C 38 37.29 -23.10 25.52
N ARG C 39 36.77 -22.64 24.37
CA ARG C 39 35.34 -22.76 24.10
C ARG C 39 34.91 -24.22 24.07
N LYS C 40 35.70 -25.08 23.43
CA LYS C 40 35.38 -26.50 23.39
C LYS C 40 35.44 -27.12 24.78
N ALA C 41 36.47 -26.76 25.57
CA ALA C 41 36.63 -27.34 26.89
C ALA C 41 35.49 -26.95 27.83
N CYS C 42 35.05 -25.69 27.76
CA CYS C 42 33.97 -25.24 28.62
C CYS C 42 32.61 -25.86 28.26
N ALA C 43 32.52 -26.52 27.11
CA ALA C 43 31.24 -27.05 26.65
C ALA C 43 30.82 -28.27 27.47
N ASP C 44 29.55 -28.62 27.34
CA ASP C 44 28.96 -29.78 28.00
C ASP C 44 27.99 -30.41 27.00
N ALA C 45 27.12 -31.29 27.50
CA ALA C 45 26.04 -31.81 26.69
C ALA C 45 25.17 -30.66 26.18
N THR C 46 24.77 -30.75 24.92
CA THR C 46 24.09 -29.64 24.27
C THR C 46 22.69 -29.45 24.85
N LEU C 47 22.02 -28.41 24.37
CA LEU C 47 20.68 -28.08 24.85
C LEU C 47 19.68 -29.20 24.55
N SER C 48 19.95 -30.03 23.54
CA SER C 48 19.06 -31.12 23.21
C SER C 48 18.95 -32.12 24.35
N GLN C 49 20.07 -32.47 24.97
CA GLN C 49 20.02 -33.43 26.07
C GLN C 49 19.18 -32.90 27.23
N ILE C 50 19.32 -31.61 27.54
CA ILE C 50 18.58 -31.03 28.65
C ILE C 50 17.08 -30.95 28.33
N THR C 51 16.74 -30.51 27.11
CA THR C 51 15.35 -30.26 26.75
C THR C 51 14.70 -31.45 26.03
N ASN C 52 15.32 -32.63 26.07
CA ASN C 52 14.70 -33.80 25.48
C ASN C 52 13.36 -34.13 26.14
N ASN C 53 13.29 -34.03 27.47
CA ASN C 53 12.14 -34.55 28.21
C ASN C 53 11.00 -33.54 28.39
N ILE C 54 11.18 -32.29 27.99
CA ILE C 54 10.12 -31.31 28.21
C ILE C 54 8.96 -31.55 27.25
N ASP C 55 7.79 -31.02 27.62
CA ASP C 55 6.59 -31.18 26.80
C ASP C 55 6.68 -30.25 25.58
N PRO C 56 6.27 -30.73 24.41
CA PRO C 56 6.26 -29.89 23.21
C PRO C 56 4.93 -29.19 23.04
N VAL C 57 4.91 -28.27 22.07
CA VAL C 57 3.70 -27.57 21.66
C VAL C 57 3.43 -27.91 20.20
N GLY C 58 2.20 -28.31 19.91
CA GLY C 58 1.85 -28.82 18.59
C GLY C 58 0.85 -27.93 17.88
N ARG C 59 1.05 -27.77 16.57
CA ARG C 59 0.11 -27.07 15.69
C ARG C 59 -0.27 -25.69 16.24
N ILE C 60 0.72 -24.82 16.34
CA ILE C 60 0.45 -23.44 16.69
C ILE C 60 -0.11 -22.76 15.46
N GLN C 61 -1.44 -22.69 15.39
CA GLN C 61 -2.14 -22.18 14.22
C GLN C 61 -2.60 -20.77 14.47
N MET C 62 -2.19 -19.84 13.60
CA MET C 62 -2.61 -18.46 13.66
C MET C 62 -3.27 -18.08 12.35
N ARG C 63 -4.37 -17.34 12.45
CA ARG C 63 -5.13 -16.93 11.27
C ARG C 63 -5.17 -15.41 11.21
N THR C 64 -5.09 -14.88 10.00
CA THR C 64 -5.06 -13.43 9.81
C THR C 64 -6.31 -12.79 10.38
N ARG C 65 -6.11 -11.79 11.23
CA ARG C 65 -7.23 -11.03 11.81
C ARG C 65 -7.50 -9.76 11.03
N ARG C 66 -6.50 -8.90 10.91
CA ARG C 66 -6.60 -7.67 10.13
C ARG C 66 -5.75 -7.77 8.88
N THR C 67 -5.88 -6.76 8.03
CA THR C 67 -5.07 -6.68 6.82
C THR C 67 -4.96 -5.21 6.44
N LEU C 68 -3.77 -4.65 6.61
CA LEU C 68 -3.54 -3.22 6.41
C LEU C 68 -3.05 -3.01 4.99
N ARG C 69 -3.91 -2.50 4.13
CA ARG C 69 -3.62 -2.35 2.71
C ARG C 69 -3.69 -0.88 2.32
N GLY C 70 -2.56 -0.20 2.33
CA GLY C 70 -2.51 1.16 1.85
C GLY C 70 -1.24 1.50 1.10
N HIS C 71 -0.34 0.54 0.97
CA HIS C 71 0.93 0.78 0.31
C HIS C 71 0.84 0.42 -1.17
N LEU C 72 1.79 0.94 -1.95
CA LEU C 72 1.78 0.78 -3.40
C LEU C 72 3.09 0.21 -3.94
N ALA C 73 3.93 -0.36 -3.09
CA ALA C 73 5.21 -0.89 -3.51
C ALA C 73 5.71 -1.84 -2.43
N LYS C 74 6.97 -2.28 -2.57
CA LYS C 74 7.54 -3.19 -1.59
C LYS C 74 7.65 -2.51 -0.24
N ILE C 75 7.63 -3.32 0.82
CA ILE C 75 7.63 -2.86 2.20
C ILE C 75 8.90 -3.38 2.85
N TYR C 76 9.71 -2.47 3.40
CA TYR C 76 11.03 -2.86 3.88
C TYR C 76 11.21 -2.87 5.39
N ALA C 77 10.35 -2.21 6.14
CA ALA C 77 10.57 -2.17 7.58
C ALA C 77 9.26 -1.97 8.31
N MET C 78 9.27 -2.31 9.59
CA MET C 78 8.09 -2.23 10.45
C MET C 78 8.56 -2.26 11.89
N HIS C 79 7.86 -1.53 12.76
CA HIS C 79 8.19 -1.52 14.17
C HIS C 79 6.94 -1.27 14.99
N TRP C 80 6.74 -2.09 16.03
CA TRP C 80 5.61 -1.93 16.92
C TRP C 80 5.83 -0.77 17.88
N GLY C 81 4.75 -0.05 18.19
CA GLY C 81 4.80 0.95 19.22
C GLY C 81 4.96 0.34 20.60
N THR C 82 5.25 1.19 21.57
CA THR C 82 5.42 0.73 22.94
C THR C 82 4.09 0.41 23.60
N ASP C 83 3.00 1.01 23.15
CA ASP C 83 1.67 0.76 23.69
C ASP C 83 1.01 -0.46 23.08
N SER C 84 1.68 -1.14 22.15
CA SER C 84 1.20 -2.35 21.50
C SER C 84 -0.07 -2.12 20.70
N ARG C 85 -0.29 -0.90 20.23
CA ARG C 85 -1.47 -0.62 19.41
C ARG C 85 -1.12 0.08 18.11
N LEU C 86 -0.14 0.97 18.12
CA LEU C 86 0.27 1.70 16.92
C LEU C 86 1.53 1.08 16.33
N LEU C 87 1.64 1.14 15.00
CA LEU C 87 2.84 0.66 14.33
C LEU C 87 3.18 1.57 13.17
N VAL C 88 4.40 1.43 12.65
CA VAL C 88 4.89 2.26 11.56
C VAL C 88 5.48 1.35 10.48
N SER C 89 5.22 1.69 9.22
CA SER C 89 5.71 0.91 8.10
C SER C 89 6.33 1.82 7.05
N ALA C 90 7.37 1.31 6.38
CA ALA C 90 8.15 2.06 5.40
C ALA C 90 8.07 1.38 4.05
N SER C 91 7.74 2.15 3.01
CA SER C 91 7.60 1.61 1.66
C SER C 91 8.61 2.24 0.73
N GLN C 92 8.66 1.73 -0.51
CA GLN C 92 9.56 2.24 -1.53
C GLN C 92 8.95 3.33 -2.38
N ASP C 93 7.67 3.63 -2.21
CA ASP C 93 7.07 4.77 -2.89
C ASP C 93 7.34 6.08 -2.17
N GLY C 94 8.13 6.05 -1.10
CA GLY C 94 8.44 7.24 -0.35
C GLY C 94 7.38 7.56 0.67
N LYS C 95 6.97 6.57 1.45
CA LYS C 95 5.91 6.75 2.43
C LYS C 95 6.26 6.04 3.73
N LEU C 96 6.05 6.75 4.82
CA LEU C 96 6.11 6.20 6.17
C LEU C 96 4.71 6.35 6.77
N ILE C 97 4.05 5.24 7.04
CA ILE C 97 2.64 5.26 7.43
C ILE C 97 2.54 4.75 8.86
N ILE C 98 1.74 5.43 9.68
CA ILE C 98 1.47 5.02 11.05
C ILE C 98 0.06 4.45 11.10
N TRP C 99 -0.04 3.15 11.40
CA TRP C 99 -1.30 2.44 11.47
C TRP C 99 -1.75 2.26 12.91
N ASP C 100 -3.07 2.38 13.11
CA ASP C 100 -3.73 1.91 14.32
C ASP C 100 -4.14 0.46 14.10
N SER C 101 -3.65 -0.43 14.94
CA SER C 101 -3.79 -1.86 14.69
C SER C 101 -5.12 -2.43 15.14
N TYR C 102 -5.99 -1.64 15.76
CA TYR C 102 -7.28 -2.14 16.21
C TYR C 102 -8.41 -1.87 15.24
N THR C 103 -8.34 -0.78 14.47
CA THR C 103 -9.38 -0.43 13.51
C THR C 103 -8.82 -0.29 12.10
N THR C 104 -7.55 -0.60 11.88
CA THR C 104 -6.91 -0.47 10.57
C THR C 104 -7.04 0.95 10.01
N ASN C 105 -6.82 1.94 10.86
CA ASN C 105 -6.88 3.34 10.47
C ASN C 105 -5.48 3.90 10.25
N LYS C 106 -5.42 4.98 9.48
CA LYS C 106 -4.16 5.66 9.18
C LYS C 106 -4.09 6.94 10.00
N VAL C 107 -3.28 6.93 11.06
CA VAL C 107 -3.11 8.11 11.89
C VAL C 107 -2.31 9.17 11.16
N HIS C 108 -1.18 8.78 10.57
CA HIS C 108 -0.29 9.72 9.89
C HIS C 108 0.28 9.06 8.63
N ALA C 109 0.52 9.90 7.63
CA ALA C 109 1.20 9.49 6.40
C ALA C 109 2.26 10.53 6.08
N ILE C 110 3.52 10.16 6.27
CA ILE C 110 4.65 11.08 6.14
C ILE C 110 5.33 10.82 4.80
N PRO C 111 5.44 11.82 3.93
CA PRO C 111 6.23 11.65 2.70
C PRO C 111 7.70 11.90 2.97
N LEU C 112 8.55 11.09 2.33
CA LEU C 112 9.98 11.13 2.55
C LEU C 112 10.68 11.86 1.41
N ARG C 113 11.86 12.40 1.72
CA ARG C 113 12.65 13.09 0.71
C ARG C 113 13.32 12.12 -0.24
N SER C 114 13.80 10.99 0.26
CA SER C 114 14.47 9.97 -0.53
C SER C 114 13.65 8.70 -0.48
N SER C 115 13.24 8.21 -1.65
CA SER C 115 12.34 7.06 -1.71
C SER C 115 13.04 5.75 -1.34
N TRP C 116 14.36 5.71 -1.38
CA TRP C 116 15.10 4.46 -1.16
C TRP C 116 15.38 4.30 0.34
N VAL C 117 14.38 3.78 1.04
CA VAL C 117 14.51 3.53 2.47
C VAL C 117 14.67 2.03 2.70
N MET C 118 15.29 1.69 3.82
CA MET C 118 15.52 0.29 4.15
C MET C 118 15.29 -0.02 5.63
N THR C 119 14.86 0.95 6.43
CA THR C 119 14.67 0.72 7.85
C THR C 119 13.79 1.82 8.43
N CYS C 120 13.24 1.55 9.60
CA CYS C 120 12.44 2.52 10.33
C CYS C 120 12.42 2.12 11.80
N ALA C 121 12.10 3.08 12.65
CA ALA C 121 12.04 2.84 14.08
C ALA C 121 11.03 3.77 14.71
N TYR C 122 10.52 3.37 15.88
CA TYR C 122 9.49 4.13 16.57
C TYR C 122 9.96 4.36 17.99
N ALA C 123 9.90 5.61 18.44
CA ALA C 123 10.50 5.98 19.72
C ALA C 123 9.78 5.29 20.87
N PRO C 124 10.51 4.97 21.95
CA PRO C 124 9.87 4.29 23.09
C PRO C 124 8.80 5.12 23.79
N SER C 125 8.82 6.45 23.62
CA SER C 125 7.79 7.30 24.20
C SER C 125 6.67 7.63 23.23
N GLY C 126 6.91 7.48 21.93
CA GLY C 126 5.90 7.77 20.93
C GLY C 126 5.96 9.14 20.30
N ASN C 127 7.04 9.89 20.52
CA ASN C 127 7.13 11.24 20.00
C ASN C 127 7.84 11.32 18.66
N TYR C 128 8.80 10.43 18.40
CA TYR C 128 9.68 10.56 17.24
C TYR C 128 9.68 9.27 16.44
N VAL C 129 9.90 9.40 15.13
CA VAL C 129 10.11 8.25 14.26
C VAL C 129 11.33 8.53 13.38
N ALA C 130 12.17 7.51 13.22
CA ALA C 130 13.39 7.65 12.42
C ALA C 130 13.31 6.74 11.20
N CYS C 131 13.87 7.21 10.08
CA CYS C 131 13.92 6.41 8.87
C CYS C 131 15.23 6.66 8.14
N GLY C 132 15.78 5.60 7.56
CA GLY C 132 17.02 5.69 6.81
C GLY C 132 17.02 4.73 5.64
N GLY C 133 18.05 4.86 4.82
CA GLY C 133 18.11 4.04 3.62
C GLY C 133 19.33 4.22 2.75
N LEU C 134 19.10 4.30 1.44
CA LEU C 134 20.15 4.30 0.45
C LEU C 134 20.65 5.70 0.11
N ASP C 135 20.51 6.65 1.03
CA ASP C 135 21.03 8.01 0.82
C ASP C 135 21.97 8.44 1.93
N ASN C 136 22.45 7.51 2.74
CA ASN C 136 23.51 7.75 3.72
C ASN C 136 23.07 8.67 4.86
N ILE C 137 21.78 8.94 4.99
CA ILE C 137 21.26 9.91 5.95
C ILE C 137 20.15 9.27 6.76
N CYS C 138 20.12 9.54 8.06
CA CYS C 138 19.07 9.07 8.95
C CYS C 138 18.22 10.25 9.36
N SER C 139 16.97 10.29 8.90
CA SER C 139 16.08 11.39 9.22
C SER C 139 15.24 11.06 10.46
N ILE C 140 14.97 12.08 11.26
CA ILE C 140 14.22 11.94 12.50
C ILE C 140 13.08 12.95 12.46
N TYR C 141 11.84 12.44 12.58
CA TYR C 141 10.61 13.22 12.45
C TYR C 141 9.93 13.29 13.81
N ASN C 142 9.36 14.46 14.11
CA ASN C 142 8.66 14.72 15.35
C ASN C 142 7.15 14.69 15.09
N LEU C 143 6.44 13.91 15.89
CA LEU C 143 5.03 13.65 15.62
C LEU C 143 4.09 14.60 16.36
N LYS C 144 4.41 14.97 17.60
CA LYS C 144 3.50 15.76 18.43
C LYS C 144 3.97 17.21 18.43
N THR C 145 3.54 17.95 17.40
CA THR C 145 3.81 19.37 17.29
C THR C 145 2.55 20.15 17.61
N ARG C 146 2.67 21.48 17.62
CA ARG C 146 1.55 22.36 17.89
C ARG C 146 0.90 22.92 16.63
N GLU C 147 1.38 22.55 15.45
CA GLU C 147 0.77 22.95 14.19
C GLU C 147 -0.07 21.85 13.55
N GLY C 148 -0.06 20.64 14.12
CA GLY C 148 -0.90 19.56 13.67
C GLY C 148 -0.29 18.67 12.61
N ASN C 149 0.78 19.11 11.95
CA ASN C 149 1.43 18.30 10.94
C ASN C 149 2.63 17.57 11.54
N VAL C 150 3.38 16.88 10.69
CA VAL C 150 4.58 16.15 11.09
C VAL C 150 5.78 16.83 10.48
N ARG C 151 6.69 17.30 11.33
CA ARG C 151 7.87 18.05 10.89
C ARG C 151 9.11 17.19 11.03
N VAL C 152 10.07 17.42 10.15
CA VAL C 152 11.37 16.75 10.26
C VAL C 152 12.21 17.47 11.30
N SER C 153 12.70 16.73 12.28
CA SER C 153 13.44 17.30 13.39
C SER C 153 14.95 17.26 13.21
N ARG C 154 15.48 16.19 12.63
CA ARG C 154 16.93 16.07 12.48
C ARG C 154 17.26 15.29 11.22
N GLU C 155 18.47 15.51 10.72
CA GLU C 155 19.02 14.78 9.57
C GLU C 155 20.46 14.40 9.92
N LEU C 156 20.63 13.22 10.52
CA LEU C 156 21.95 12.75 10.88
C LEU C 156 22.71 12.29 9.64
N ALA C 157 23.84 12.92 9.37
CA ALA C 157 24.70 12.57 8.25
C ALA C 157 26.12 12.37 8.75
N GLY C 158 26.88 11.54 8.03
CA GLY C 158 28.23 11.22 8.45
C GLY C 158 28.63 9.79 8.13
N HIS C 159 27.67 8.99 7.69
CA HIS C 159 27.95 7.64 7.23
C HIS C 159 28.40 7.65 5.78
N THR C 160 29.13 6.60 5.38
CA THR C 160 29.59 6.46 4.01
C THR C 160 28.87 5.36 3.25
N GLY C 161 28.33 4.36 3.94
CA GLY C 161 27.50 3.34 3.32
C GLY C 161 26.04 3.50 3.69
N TYR C 162 25.22 2.65 3.09
CA TYR C 162 23.78 2.74 3.27
C TYR C 162 23.39 2.37 4.70
N LEU C 163 22.36 3.03 5.21
CA LEU C 163 21.83 2.71 6.52
C LEU C 163 21.03 1.41 6.46
N SER C 164 21.34 0.49 7.36
CA SER C 164 20.70 -0.81 7.38
C SER C 164 19.67 -0.97 8.49
N CYS C 165 19.92 -0.41 9.67
CA CYS C 165 19.00 -0.53 10.79
C CYS C 165 19.33 0.55 11.81
N CYS C 166 18.28 1.12 12.40
CA CYS C 166 18.44 2.18 13.39
C CYS C 166 17.44 1.97 14.52
N ARG C 167 17.87 2.23 15.75
CA ARG C 167 17.03 2.03 16.92
C ARG C 167 17.18 3.21 17.87
N PHE C 168 16.12 3.48 18.62
CA PHE C 168 16.11 4.57 19.59
C PHE C 168 16.54 4.06 20.96
N LEU C 169 17.08 4.96 21.77
CA LEU C 169 17.48 4.63 23.14
C LEU C 169 16.65 5.39 24.17
N ASP C 170 16.72 6.73 24.18
CA ASP C 170 15.98 7.49 25.18
C ASP C 170 15.42 8.80 24.62
N ASP C 171 15.06 8.82 23.33
CA ASP C 171 14.50 10.00 22.66
C ASP C 171 15.57 11.07 22.41
N ASN C 172 16.78 10.85 22.90
CA ASN C 172 17.88 11.76 22.67
C ASN C 172 19.13 11.10 22.12
N GLN C 173 19.26 9.78 22.25
CA GLN C 173 20.37 9.03 21.69
C GLN C 173 19.83 7.96 20.75
N ILE C 174 20.46 7.82 19.58
CA ILE C 174 20.03 6.86 18.58
C ILE C 174 21.25 6.13 18.03
N VAL C 175 21.17 4.81 17.96
CA VAL C 175 22.25 3.98 17.45
C VAL C 175 21.86 3.49 16.05
N THR C 176 22.77 3.67 15.10
CA THR C 176 22.53 3.30 13.71
C THR C 176 23.62 2.37 13.21
N SER C 177 23.26 1.55 12.23
CA SER C 177 24.19 0.63 11.58
C SER C 177 24.21 0.92 10.09
N SER C 178 25.39 0.83 9.49
CA SER C 178 25.57 1.22 8.09
C SER C 178 26.24 0.09 7.33
N GLY C 179 26.38 0.29 6.02
CA GLY C 179 27.03 -0.68 5.16
C GLY C 179 28.46 -0.32 4.86
N ASP C 180 29.17 0.20 5.86
CA ASP C 180 30.58 0.53 5.74
C ASP C 180 31.37 -0.04 6.90
N THR C 181 30.91 -1.17 7.46
CA THR C 181 31.56 -1.97 8.50
C THR C 181 31.52 -1.31 9.87
N THR C 182 31.03 -0.08 9.99
CA THR C 182 31.02 0.63 11.27
C THR C 182 29.58 0.99 11.64
N CYS C 183 29.30 1.01 12.95
CA CYS C 183 28.00 1.42 13.45
C CYS C 183 28.19 2.53 14.48
N ALA C 184 27.34 3.54 14.42
CA ALA C 184 27.56 4.77 15.18
C ALA C 184 26.47 4.96 16.23
N LEU C 185 26.79 5.79 17.22
CA LEU C 185 25.86 6.20 18.26
C LEU C 185 25.82 7.72 18.28
N TRP C 186 24.64 8.28 18.03
CA TRP C 186 24.43 9.70 17.81
C TRP C 186 23.66 10.32 18.96
N ASP C 187 24.01 11.56 19.27
CA ASP C 187 23.24 12.41 20.18
C ASP C 187 22.41 13.35 19.33
N ILE C 188 21.09 13.23 19.43
CA ILE C 188 20.19 13.84 18.44
C ILE C 188 20.22 15.36 18.53
N GLU C 189 20.29 15.91 19.75
CA GLU C 189 20.15 17.35 19.92
C GLU C 189 21.27 18.11 19.21
N THR C 190 22.52 17.73 19.45
CA THR C 190 23.63 18.40 18.77
C THR C 190 23.73 17.98 17.31
N GLY C 191 23.55 16.70 17.02
CA GLY C 191 23.59 16.19 15.67
C GLY C 191 24.90 15.60 15.22
N GLN C 192 25.72 15.08 16.14
CA GLN C 192 27.03 14.57 15.82
C GLN C 192 27.24 13.21 16.46
N GLN C 193 28.12 12.41 15.86
CA GLN C 193 28.38 11.07 16.35
C GLN C 193 29.04 11.12 17.72
N THR C 194 28.30 10.74 18.75
CA THR C 194 28.89 10.63 20.08
C THR C 194 29.94 9.52 20.12
N THR C 195 29.66 8.38 19.50
CA THR C 195 30.59 7.25 19.54
C THR C 195 30.54 6.51 18.20
N THR C 196 31.62 5.81 17.90
CA THR C 196 31.71 4.98 16.70
C THR C 196 32.25 3.61 17.07
N PHE C 197 31.70 2.56 16.46
CA PHE C 197 32.09 1.18 16.71
C PHE C 197 32.60 0.60 15.41
N THR C 198 33.83 0.10 15.42
CA THR C 198 34.49 -0.49 14.26
C THR C 198 34.99 -1.88 14.63
N GLY C 199 35.15 -2.72 13.61
CA GLY C 199 35.65 -4.06 13.84
C GLY C 199 35.12 -5.15 12.93
N HIS C 200 34.12 -4.84 12.11
CA HIS C 200 33.66 -5.77 11.10
C HIS C 200 34.44 -5.61 9.80
N THR C 201 34.44 -6.67 9.01
CA THR C 201 35.08 -6.68 7.69
C THR C 201 34.10 -6.37 6.58
N GLY C 202 32.89 -6.95 6.64
CA GLY C 202 31.86 -6.69 5.65
C GLY C 202 30.79 -5.75 6.16
N ASP C 203 29.72 -5.64 5.37
CA ASP C 203 28.62 -4.76 5.72
C ASP C 203 27.92 -5.25 6.99
N VAL C 204 27.36 -4.31 7.74
CA VAL C 204 26.58 -4.61 8.93
C VAL C 204 25.11 -4.55 8.55
N MET C 205 24.37 -5.62 8.85
CA MET C 205 23.02 -5.78 8.32
C MET C 205 21.91 -5.51 9.33
N SER C 206 22.12 -5.81 10.62
CA SER C 206 21.07 -5.57 11.60
C SER C 206 21.67 -5.51 12.99
N LEU C 207 20.91 -4.92 13.91
CA LEU C 207 21.29 -4.85 15.32
C LEU C 207 20.02 -4.82 16.16
N SER C 208 20.18 -5.19 17.43
CA SER C 208 19.06 -5.16 18.37
C SER C 208 19.58 -4.80 19.76
N LEU C 209 18.96 -3.81 20.38
CA LEU C 209 19.37 -3.37 21.69
C LEU C 209 18.92 -4.36 22.77
N ALA C 210 19.64 -4.36 23.88
CA ALA C 210 19.27 -5.18 25.02
C ALA C 210 18.02 -4.62 25.68
N PRO C 211 17.30 -5.44 26.46
CA PRO C 211 16.12 -4.92 27.17
C PRO C 211 16.42 -3.74 28.08
N ASP C 212 17.57 -3.73 28.73
CA ASP C 212 17.96 -2.63 29.61
C ASP C 212 18.72 -1.53 28.87
N THR C 213 18.84 -1.64 27.55
CA THR C 213 19.53 -0.64 26.73
C THR C 213 20.95 -0.40 27.22
N ARG C 214 21.63 -1.48 27.59
CA ARG C 214 22.99 -1.42 28.11
C ARG C 214 24.03 -1.90 27.12
N LEU C 215 23.85 -3.11 26.59
CA LEU C 215 24.70 -3.66 25.53
C LEU C 215 23.88 -3.78 24.25
N PHE C 216 24.56 -4.13 23.16
CA PHE C 216 23.83 -4.40 21.94
C PHE C 216 24.68 -5.25 21.00
N VAL C 217 24.02 -6.12 20.24
CA VAL C 217 24.69 -7.00 19.30
C VAL C 217 24.37 -6.55 17.88
N SER C 218 25.27 -6.89 16.96
CA SER C 218 25.08 -6.55 15.56
C SER C 218 25.64 -7.66 14.69
N GLY C 219 24.95 -7.95 13.59
CA GLY C 219 25.35 -8.99 12.66
C GLY C 219 25.92 -8.38 11.39
N ALA C 220 26.95 -9.01 10.85
CA ALA C 220 27.68 -8.48 9.72
C ALA C 220 27.52 -9.39 8.51
N CYS C 221 27.84 -8.85 7.34
CA CYS C 221 27.75 -9.58 6.09
C CYS C 221 28.96 -10.49 5.85
N ASP C 222 29.74 -10.77 6.90
CA ASP C 222 30.89 -11.65 6.83
C ASP C 222 30.77 -12.82 7.79
N ALA C 223 29.54 -13.19 8.14
CA ALA C 223 29.26 -14.38 8.95
C ALA C 223 29.85 -14.26 10.36
N SER C 224 29.64 -13.11 10.98
CA SER C 224 30.06 -12.91 12.36
C SER C 224 29.08 -11.98 13.05
N ALA C 225 28.94 -12.16 14.36
CA ALA C 225 28.07 -11.31 15.17
C ALA C 225 28.85 -10.78 16.36
N LYS C 226 28.78 -9.48 16.60
CA LYS C 226 29.59 -8.84 17.63
C LYS C 226 28.72 -8.20 18.69
N LEU C 227 29.08 -8.42 19.96
CA LEU C 227 28.44 -7.81 21.11
C LEU C 227 29.28 -6.63 21.58
N TRP C 228 28.69 -5.44 21.57
CA TRP C 228 29.32 -4.19 21.96
C TRP C 228 28.70 -3.66 23.25
N ASP C 229 29.53 -2.97 24.03
CA ASP C 229 29.09 -2.21 25.18
C ASP C 229 28.80 -0.79 24.74
N VAL C 230 27.59 -0.29 25.04
CA VAL C 230 27.17 1.01 24.54
C VAL C 230 28.09 2.11 25.06
N ARG C 231 28.31 2.14 26.36
CA ARG C 231 29.26 3.10 26.91
C ARG C 231 30.68 2.55 26.80
N GLU C 232 31.62 3.47 26.62
CA GLU C 232 33.06 3.18 26.54
C GLU C 232 33.42 2.54 25.20
N GLY C 233 32.40 2.20 24.40
CA GLY C 233 32.56 2.03 22.97
C GLY C 233 33.60 1.04 22.48
N MET C 234 33.64 -0.16 23.06
CA MET C 234 34.56 -1.19 22.61
C MET C 234 33.82 -2.50 22.43
N CYS C 235 34.25 -3.27 21.43
CA CYS C 235 33.63 -4.57 21.17
C CYS C 235 33.93 -5.53 22.33
N ARG C 236 32.87 -6.16 22.84
CA ARG C 236 33.04 -7.04 23.99
C ARG C 236 33.25 -8.49 23.57
N GLN C 237 32.42 -9.00 22.65
CA GLN C 237 32.54 -10.39 22.23
C GLN C 237 32.25 -10.52 20.75
N THR C 238 32.65 -11.67 20.18
CA THR C 238 32.35 -12.00 18.80
C THR C 238 32.06 -13.49 18.67
N PHE C 239 31.10 -13.82 17.81
CA PHE C 239 30.67 -15.18 17.57
C PHE C 239 30.67 -15.45 16.07
N THR C 240 31.15 -16.65 15.70
CA THR C 240 31.23 -17.06 14.29
C THR C 240 30.79 -18.51 14.19
N GLY C 241 29.59 -18.73 13.65
CA GLY C 241 29.13 -20.08 13.42
C GLY C 241 28.50 -20.30 12.06
N HIS C 242 28.25 -19.22 11.33
CA HIS C 242 27.50 -19.29 10.09
C HIS C 242 28.43 -19.59 8.92
N GLU C 243 27.85 -19.60 7.72
CA GLU C 243 28.62 -19.80 6.49
C GLU C 243 28.38 -18.73 5.44
N SER C 244 27.43 -17.81 5.65
CA SER C 244 27.11 -16.79 4.67
C SER C 244 26.67 -15.54 5.43
N ASP C 245 26.01 -14.63 4.73
CA ASP C 245 25.60 -13.37 5.33
C ASP C 245 24.66 -13.60 6.50
N ILE C 246 24.70 -12.68 7.46
CA ILE C 246 23.75 -12.64 8.57
C ILE C 246 22.80 -11.49 8.30
N ASN C 247 21.51 -11.81 8.16
CA ASN C 247 20.55 -10.84 7.65
C ASN C 247 19.53 -10.39 8.69
N ALA C 248 19.54 -10.97 9.88
CA ALA C 248 18.63 -10.55 10.94
C ALA C 248 19.17 -11.04 12.27
N ILE C 249 18.76 -10.36 13.35
CA ILE C 249 19.27 -10.66 14.69
C ILE C 249 18.30 -10.06 15.68
N CYS C 250 18.18 -10.69 16.85
CA CYS C 250 17.24 -10.25 17.88
C CYS C 250 17.63 -10.84 19.22
N PHE C 251 17.44 -10.05 20.28
CA PHE C 251 17.73 -10.51 21.63
C PHE C 251 16.63 -11.39 22.20
N PHE C 252 17.06 -12.43 22.92
CA PHE C 252 16.15 -13.17 23.78
C PHE C 252 15.57 -12.23 24.83
N PRO C 253 14.30 -12.41 25.22
CA PRO C 253 13.72 -11.49 26.23
C PRO C 253 14.47 -11.50 27.54
N ASN C 254 15.11 -12.61 27.90
CA ASN C 254 15.93 -12.64 29.12
C ASN C 254 17.09 -11.67 29.03
N GLY C 255 17.58 -11.41 27.83
CA GLY C 255 18.75 -10.56 27.66
C GLY C 255 20.08 -11.27 27.80
N ASN C 256 20.07 -12.61 27.93
CA ASN C 256 21.30 -13.38 28.07
C ASN C 256 21.52 -14.33 26.91
N ALA C 257 20.91 -14.06 25.76
CA ALA C 257 21.07 -14.88 24.57
C ALA C 257 20.48 -14.10 23.40
N PHE C 258 20.76 -14.57 22.18
CA PHE C 258 20.18 -13.96 21.01
C PHE C 258 20.12 -14.99 19.88
N ALA C 259 19.41 -14.64 18.82
CA ALA C 259 19.19 -15.55 17.69
C ALA C 259 19.56 -14.85 16.40
N THR C 260 20.33 -15.52 15.57
CA THR C 260 20.81 -14.98 14.31
C THR C 260 20.21 -15.75 13.14
N GLY C 261 19.76 -15.02 12.13
CA GLY C 261 19.23 -15.61 10.91
C GLY C 261 20.11 -15.34 9.72
N SER C 262 20.60 -16.40 9.09
CA SER C 262 21.60 -16.28 8.02
C SER C 262 20.93 -16.19 6.65
N ASP C 263 21.74 -16.35 5.61
CA ASP C 263 21.28 -16.34 4.22
C ASP C 263 21.44 -17.70 3.56
N ASP C 264 21.60 -18.77 4.35
CA ASP C 264 21.74 -20.12 3.82
C ASP C 264 20.80 -21.07 4.54
N ALA C 265 19.58 -20.61 4.83
CA ALA C 265 18.53 -21.44 5.42
C ALA C 265 18.97 -22.06 6.74
N THR C 266 19.28 -21.20 7.70
CA THR C 266 19.68 -21.66 9.02
C THR C 266 19.49 -20.54 10.03
N CYS C 267 18.93 -20.87 11.19
CA CYS C 267 18.91 -19.97 12.32
C CYS C 267 19.77 -20.56 13.43
N ARG C 268 20.33 -19.71 14.27
CA ARG C 268 21.18 -20.18 15.34
C ARG C 268 20.92 -19.40 16.62
N LEU C 269 21.11 -20.06 17.76
CA LEU C 269 20.91 -19.45 19.07
C LEU C 269 22.26 -19.34 19.77
N PHE C 270 22.73 -18.12 19.98
CA PHE C 270 24.00 -17.87 20.63
C PHE C 270 23.77 -17.39 22.06
N ASP C 271 24.69 -17.75 22.94
CA ASP C 271 24.66 -17.37 24.35
C ASP C 271 25.79 -16.41 24.66
N LEU C 272 25.49 -15.39 25.45
CA LEU C 272 26.50 -14.41 25.83
C LEU C 272 27.47 -14.98 26.86
N ARG C 273 26.95 -15.66 27.87
CA ARG C 273 27.80 -16.12 28.97
C ARG C 273 28.63 -17.34 28.58
N ALA C 274 28.06 -18.27 27.83
CA ALA C 274 28.82 -19.43 27.36
C ALA C 274 29.73 -19.10 26.20
N ASP C 275 29.48 -17.99 25.50
CA ASP C 275 30.36 -17.49 24.44
C ASP C 275 30.53 -18.51 23.32
N GLN C 276 29.46 -19.23 23.01
CA GLN C 276 29.47 -20.17 21.89
C GLN C 276 28.04 -20.52 21.53
N GLU C 277 27.89 -21.38 20.52
CA GLU C 277 26.58 -21.73 19.99
C GLU C 277 25.82 -22.64 20.95
N LEU C 278 24.50 -22.63 20.81
CA LEU C 278 23.63 -23.50 21.60
C LEU C 278 22.83 -24.46 20.76
N MET C 279 22.15 -24.00 19.72
CA MET C 279 21.34 -24.87 18.90
C MET C 279 21.08 -24.20 17.55
N THR C 280 20.79 -25.04 16.55
CA THR C 280 20.57 -24.60 15.18
C THR C 280 19.22 -25.09 14.69
N TYR C 281 18.55 -24.26 13.90
CA TYR C 281 17.22 -24.54 13.36
C TYR C 281 17.31 -24.53 11.84
N SER C 282 17.15 -25.70 11.23
CA SER C 282 17.24 -25.86 9.78
C SER C 282 16.45 -27.09 9.36
N HIS C 283 16.12 -27.13 8.07
CA HIS C 283 15.38 -28.26 7.52
C HIS C 283 15.82 -28.48 6.07
N ASP C 284 15.79 -29.75 5.64
CA ASP C 284 16.22 -30.06 4.29
C ASP C 284 15.27 -29.49 3.24
N ASN C 285 13.98 -29.39 3.56
CA ASN C 285 13.02 -28.85 2.60
C ASN C 285 13.32 -27.38 2.31
N ILE C 286 13.64 -26.61 3.34
CA ILE C 286 13.88 -25.17 3.19
C ILE C 286 15.30 -24.94 2.71
N ILE C 287 15.45 -24.13 1.65
CA ILE C 287 16.76 -23.79 1.11
C ILE C 287 16.91 -22.30 0.85
N CYS C 288 15.91 -21.48 1.18
CA CYS C 288 15.97 -20.05 0.90
C CYS C 288 16.72 -19.33 2.03
N GLY C 289 16.65 -18.00 2.03
CA GLY C 289 17.39 -17.19 2.99
C GLY C 289 16.46 -16.45 3.94
N ILE C 290 16.82 -16.44 5.22
CA ILE C 290 16.04 -15.72 6.22
C ILE C 290 16.08 -14.23 5.92
N THR C 291 15.01 -13.53 6.30
CA THR C 291 14.96 -12.08 6.18
C THR C 291 14.61 -11.35 7.47
N SER C 292 14.02 -12.02 8.45
CA SER C 292 13.68 -11.38 9.72
C SER C 292 13.59 -12.45 10.80
N VAL C 293 13.78 -12.02 12.04
CA VAL C 293 13.74 -12.91 13.20
C VAL C 293 13.14 -12.14 14.37
N SER C 294 12.28 -12.79 15.13
CA SER C 294 11.74 -12.21 16.35
C SER C 294 11.33 -13.33 17.30
N PHE C 295 11.13 -12.96 18.56
CA PHE C 295 10.83 -13.91 19.61
C PHE C 295 9.40 -13.71 20.12
N SER C 296 9.07 -14.47 21.17
CA SER C 296 7.80 -14.35 21.87
C SER C 296 8.05 -13.86 23.29
N LYS C 297 6.98 -13.35 23.91
CA LYS C 297 7.11 -12.74 25.23
C LYS C 297 7.69 -13.71 26.26
N SER C 298 7.53 -14.98 26.03
CA SER C 298 8.01 -15.89 27.01
C SER C 298 9.26 -16.56 26.59
N GLY C 299 9.68 -16.22 25.39
CA GLY C 299 10.90 -16.81 24.86
C GLY C 299 10.80 -18.28 24.55
N ARG C 300 9.64 -18.75 24.12
CA ARG C 300 9.43 -20.15 23.75
C ARG C 300 9.24 -20.35 22.26
N LEU C 301 8.55 -19.43 21.59
CA LEU C 301 8.39 -19.49 20.15
C LEU C 301 9.37 -18.54 19.48
N LEU C 302 9.97 -18.98 18.39
CA LEU C 302 10.89 -18.16 17.60
C LEU C 302 10.32 -18.08 16.19
N LEU C 303 9.87 -16.90 15.81
CA LEU C 303 9.37 -16.72 14.45
C LEU C 303 10.54 -16.50 13.49
N ALA C 304 10.28 -16.74 12.21
CA ALA C 304 11.34 -16.55 11.22
C ALA C 304 10.70 -16.32 9.86
N GLY C 305 10.94 -15.15 9.27
CA GLY C 305 10.45 -14.85 7.94
C GLY C 305 11.42 -15.35 6.90
N TYR C 306 10.91 -16.14 5.95
CA TYR C 306 11.76 -16.77 4.96
C TYR C 306 11.62 -16.10 3.61
N ASP C 307 12.34 -16.63 2.63
CA ASP C 307 12.33 -16.12 1.27
C ASP C 307 11.45 -16.95 0.33
N ASP C 308 10.93 -18.08 0.80
CA ASP C 308 10.08 -18.94 -0.01
C ASP C 308 8.59 -18.69 0.22
N PHE C 309 8.22 -17.45 0.50
CA PHE C 309 6.86 -16.93 0.62
C PHE C 309 6.25 -17.25 1.98
N ASN C 310 6.90 -18.06 2.81
CA ASN C 310 6.30 -18.57 4.03
C ASN C 310 6.70 -17.73 5.23
N CYS C 311 6.36 -18.21 6.43
CA CYS C 311 6.90 -17.64 7.67
C CYS C 311 6.84 -18.73 8.73
N ASN C 312 7.99 -19.29 9.10
CA ASN C 312 7.95 -20.42 10.00
C ASN C 312 7.91 -19.97 11.45
N VAL C 313 7.42 -20.86 12.31
CA VAL C 313 7.35 -20.63 13.75
C VAL C 313 7.96 -21.87 14.40
N TRP C 314 9.15 -21.69 14.99
CA TRP C 314 9.93 -22.78 15.57
C TRP C 314 9.73 -22.82 17.08
N ASP C 315 9.81 -24.02 17.64
CA ASP C 315 9.83 -24.20 19.09
C ASP C 315 11.29 -24.09 19.52
N ALA C 316 11.65 -22.94 20.09
CA ALA C 316 13.05 -22.59 20.27
C ALA C 316 13.78 -23.50 21.24
N LEU C 317 13.07 -24.32 22.02
CA LEU C 317 13.71 -25.20 22.97
C LEU C 317 13.90 -26.61 22.46
N LYS C 318 13.39 -26.94 21.27
CA LYS C 318 13.57 -28.28 20.73
C LYS C 318 13.93 -28.31 19.24
N ALA C 319 13.91 -27.17 18.55
CA ALA C 319 14.30 -27.04 17.15
C ALA C 319 13.29 -27.69 16.21
N ASP C 320 12.27 -28.34 16.76
CA ASP C 320 11.22 -28.93 15.94
C ASP C 320 10.25 -27.85 15.50
N ARG C 321 9.96 -27.79 14.20
CA ARG C 321 9.03 -26.80 13.68
C ARG C 321 7.65 -27.00 14.29
N ALA C 322 6.98 -25.90 14.59
CA ALA C 322 5.68 -25.95 15.25
C ALA C 322 4.57 -25.26 14.49
N GLY C 323 4.87 -24.36 13.56
CA GLY C 323 3.79 -23.75 12.81
C GLY C 323 4.26 -23.05 11.56
N VAL C 324 3.30 -22.77 10.69
CA VAL C 324 3.55 -22.08 9.43
C VAL C 324 2.54 -20.98 9.26
N LEU C 325 3.01 -19.80 8.84
CA LEU C 325 2.16 -18.67 8.49
C LEU C 325 2.37 -18.40 7.01
N ALA C 326 1.38 -18.75 6.19
CA ALA C 326 1.49 -18.64 4.74
C ALA C 326 0.27 -17.88 4.21
N GLY C 327 0.44 -16.59 3.97
CA GLY C 327 -0.62 -15.79 3.41
C GLY C 327 -0.15 -14.75 2.41
N HIS C 328 1.15 -14.75 2.12
CA HIS C 328 1.76 -13.68 1.36
C HIS C 328 2.08 -14.14 -0.06
N ASP C 329 2.00 -13.21 -1.01
CA ASP C 329 2.27 -13.48 -2.41
C ASP C 329 3.68 -13.13 -2.83
N ASN C 330 4.52 -12.67 -1.90
CA ASN C 330 5.91 -12.39 -2.19
C ASN C 330 6.73 -12.73 -0.95
N ARG C 331 8.02 -12.46 -0.99
CA ARG C 331 8.87 -12.76 0.16
C ARG C 331 8.54 -11.84 1.32
N VAL C 332 8.52 -12.40 2.52
CA VAL C 332 8.24 -11.62 3.73
C VAL C 332 9.53 -10.93 4.16
N SER C 333 9.46 -9.60 4.28
CA SER C 333 10.65 -8.79 4.52
C SER C 333 10.77 -8.30 5.96
N CYS C 334 9.66 -8.01 6.62
CA CYS C 334 9.69 -7.48 7.98
C CYS C 334 8.73 -8.25 8.86
N LEU C 335 9.07 -8.34 10.14
CA LEU C 335 8.31 -9.16 11.09
C LEU C 335 8.51 -8.61 12.49
N GLY C 336 7.44 -8.59 13.27
CA GLY C 336 7.51 -8.04 14.61
C GLY C 336 6.44 -8.60 15.52
N VAL C 337 6.68 -8.47 16.82
CA VAL C 337 5.79 -8.98 17.86
C VAL C 337 5.58 -7.87 18.89
N THR C 338 4.33 -7.71 19.33
CA THR C 338 4.00 -6.66 20.28
C THR C 338 4.71 -6.88 21.61
N ASP C 339 4.65 -5.85 22.46
CA ASP C 339 5.32 -5.92 23.75
C ASP C 339 4.56 -6.81 24.74
N ASP C 340 3.23 -6.75 24.73
CA ASP C 340 2.45 -7.58 25.64
C ASP C 340 2.25 -9.00 25.13
N GLY C 341 2.58 -9.28 23.87
CA GLY C 341 2.50 -10.61 23.34
C GLY C 341 1.19 -10.99 22.70
N MET C 342 0.36 -10.02 22.32
CA MET C 342 -0.94 -10.34 21.74
C MET C 342 -0.83 -10.75 20.29
N ALA C 343 -0.41 -9.83 19.43
CA ALA C 343 -0.46 -10.03 17.99
C ALA C 343 0.94 -10.22 17.42
N VAL C 344 0.98 -10.49 16.11
CA VAL C 344 2.21 -10.56 15.34
C VAL C 344 1.96 -9.86 14.02
N ALA C 345 2.92 -9.05 13.57
CA ALA C 345 2.77 -8.32 12.33
C ALA C 345 3.82 -8.79 11.34
N THR C 346 3.39 -9.07 10.11
CA THR C 346 4.31 -9.43 9.04
C THR C 346 4.09 -8.50 7.85
N GLY C 347 5.16 -8.25 7.10
CA GLY C 347 5.08 -7.41 5.93
C GLY C 347 5.99 -7.91 4.83
N SER C 348 5.49 -7.94 3.60
CA SER C 348 6.17 -8.56 2.48
C SER C 348 6.25 -7.59 1.32
N TRP C 349 6.80 -8.07 0.21
CA TRP C 349 6.97 -7.25 -0.98
C TRP C 349 5.71 -7.16 -1.82
N ASP C 350 4.60 -7.74 -1.34
CA ASP C 350 3.31 -7.61 -2.01
C ASP C 350 2.52 -6.40 -1.52
N SER C 351 3.10 -5.59 -0.65
CA SER C 351 2.55 -4.31 -0.21
C SER C 351 1.35 -4.47 0.73
N PHE C 352 1.30 -5.57 1.49
CA PHE C 352 0.27 -5.77 2.48
C PHE C 352 0.91 -6.17 3.81
N LEU C 353 0.52 -5.51 4.89
CA LEU C 353 0.81 -6.04 6.21
C LEU C 353 -0.28 -7.01 6.62
N LYS C 354 0.08 -7.90 7.54
CA LYS C 354 -0.88 -8.87 8.05
C LYS C 354 -0.69 -9.03 9.55
N ILE C 355 -1.79 -8.98 10.29
CA ILE C 355 -1.80 -9.19 11.74
C ILE C 355 -2.29 -10.60 12.00
N TRP C 356 -1.53 -11.35 12.78
CA TRP C 356 -1.85 -12.72 13.13
C TRP C 356 -2.00 -12.82 14.64
N ASN C 357 -2.80 -13.78 15.08
CA ASN C 357 -3.09 -13.91 16.50
C ASN C 357 -3.49 -15.34 16.83
N ILE D 9 51.11 -4.32 9.45
CA ILE D 9 51.54 -2.92 9.48
C ILE D 9 51.15 -2.32 10.83
N ALA D 10 49.88 -1.91 10.93
CA ALA D 10 49.33 -1.42 12.18
C ALA D 10 48.00 -2.05 12.55
N GLN D 11 47.39 -2.83 11.65
CA GLN D 11 46.16 -3.53 11.98
C GLN D 11 46.43 -4.78 12.83
N ALA D 12 47.63 -5.36 12.69
CA ALA D 12 47.95 -6.58 13.41
C ALA D 12 47.98 -6.35 14.92
N ARG D 13 48.55 -5.22 15.36
CA ARG D 13 48.58 -4.93 16.79
C ARG D 13 47.18 -4.73 17.35
N LYS D 14 46.33 -4.02 16.60
CA LYS D 14 44.94 -3.83 17.03
C LYS D 14 44.22 -5.16 17.14
N LEU D 15 44.37 -6.02 16.14
CA LEU D 15 43.70 -7.31 16.16
C LEU D 15 44.20 -8.17 17.31
N VAL D 16 45.51 -8.17 17.56
CA VAL D 16 46.07 -8.96 18.64
C VAL D 16 45.58 -8.45 19.99
N GLU D 17 45.55 -7.12 20.16
CA GLU D 17 45.05 -6.56 21.42
C GLU D 17 43.58 -6.91 21.63
N GLN D 18 42.77 -6.84 20.58
CA GLN D 18 41.36 -7.20 20.70
C GLN D 18 41.20 -8.66 21.09
N LEU D 19 41.95 -9.55 20.44
CA LEU D 19 41.87 -10.96 20.78
C LEU D 19 42.33 -11.22 22.20
N LYS D 20 43.39 -10.54 22.64
CA LYS D 20 43.86 -10.71 24.01
C LYS D 20 42.82 -10.24 25.03
N MET D 21 42.18 -9.10 24.76
CA MET D 21 41.13 -8.63 25.65
C MET D 21 39.90 -9.53 25.61
N GLU D 22 39.71 -10.27 24.52
CA GLU D 22 38.66 -11.28 24.49
C GLU D 22 39.07 -12.58 25.16
N ALA D 23 40.37 -12.79 25.38
CA ALA D 23 40.85 -14.07 25.87
C ALA D 23 40.46 -14.30 27.33
N ASN D 24 40.50 -13.25 28.15
CA ASN D 24 40.31 -13.40 29.58
C ASN D 24 38.85 -13.42 30.01
N ILE D 25 37.93 -13.72 29.09
CA ILE D 25 36.52 -13.81 29.43
C ILE D 25 36.29 -15.07 30.27
N ASP D 26 35.59 -14.92 31.38
CA ASP D 26 35.22 -16.05 32.22
C ASP D 26 33.86 -16.59 31.80
N ARG D 27 33.77 -17.90 31.61
CA ARG D 27 32.59 -18.53 31.06
C ARG D 27 32.03 -19.57 32.03
N ILE D 28 30.74 -19.85 31.87
CA ILE D 28 30.07 -20.89 32.63
C ILE D 28 29.79 -22.08 31.72
N LYS D 29 29.45 -23.21 32.33
CA LYS D 29 29.18 -24.41 31.55
C LYS D 29 27.86 -24.29 30.80
N VAL D 30 27.75 -25.05 29.71
CA VAL D 30 26.57 -24.97 28.84
C VAL D 30 25.32 -25.44 29.55
N SER D 31 25.44 -26.44 30.42
CA SER D 31 24.27 -26.94 31.15
C SER D 31 23.63 -25.84 31.98
N LYS D 32 24.45 -24.95 32.54
CA LYS D 32 23.90 -23.82 33.29
C LYS D 32 23.04 -22.93 32.40
N ALA D 33 23.52 -22.64 31.19
CA ALA D 33 22.75 -21.82 30.26
C ALA D 33 21.45 -22.51 29.87
N ALA D 34 21.52 -23.82 29.60
CA ALA D 34 20.32 -24.57 29.25
C ALA D 34 19.30 -24.53 30.37
N ALA D 35 19.75 -24.75 31.61
CA ALA D 35 18.85 -24.71 32.75
C ALA D 35 18.25 -23.33 32.93
N ASP D 36 19.05 -22.28 32.75
CA ASP D 36 18.53 -20.92 32.89
C ASP D 36 17.47 -20.62 31.83
N LEU D 37 17.72 -21.02 30.59
CA LEU D 37 16.73 -20.79 29.54
C LEU D 37 15.44 -21.56 29.80
N MET D 38 15.56 -22.82 30.22
CA MET D 38 14.37 -23.60 30.54
C MET D 38 13.59 -22.97 31.69
N ALA D 39 14.30 -22.52 32.73
CA ALA D 39 13.64 -21.90 33.87
C ALA D 39 12.92 -20.62 33.45
N TYR D 40 13.55 -19.80 32.63
CA TYR D 40 12.89 -18.58 32.17
C TYR D 40 11.66 -18.90 31.34
N CYS D 41 11.74 -19.91 30.48
CA CYS D 41 10.57 -20.27 29.68
C CYS D 41 9.43 -20.78 30.56
N GLU D 42 9.76 -21.58 31.58
CA GLU D 42 8.73 -22.08 32.49
C GLU D 42 8.10 -20.95 33.30
N ALA D 43 8.90 -19.98 33.73
CA ALA D 43 8.39 -18.96 34.64
C ALA D 43 7.31 -18.11 33.99
N HIS D 44 7.51 -17.70 32.74
CA HIS D 44 6.60 -16.78 32.06
C HIS D 44 5.68 -17.49 31.06
N ALA D 45 5.39 -18.76 31.29
CA ALA D 45 4.58 -19.53 30.34
C ALA D 45 3.14 -19.02 30.29
N LYS D 46 2.55 -18.72 31.45
CA LYS D 46 1.12 -18.40 31.50
C LYS D 46 0.82 -17.07 30.81
N GLU D 47 1.72 -16.10 30.89
CA GLU D 47 1.49 -14.77 30.36
C GLU D 47 1.84 -14.64 28.88
N ASP D 48 1.91 -15.76 28.15
CA ASP D 48 2.16 -15.71 26.72
C ASP D 48 0.85 -15.92 25.98
N PRO D 49 0.30 -14.90 25.33
CA PRO D 49 -0.97 -15.05 24.61
C PRO D 49 -0.85 -15.77 23.27
N LEU D 50 0.29 -16.37 22.95
CA LEU D 50 0.44 -17.14 21.72
C LEU D 50 0.67 -18.62 21.96
N LEU D 51 1.30 -19.00 23.07
CA LEU D 51 1.42 -20.41 23.42
C LEU D 51 0.06 -21.00 23.74
N THR D 52 -0.69 -20.34 24.61
CA THR D 52 -2.03 -20.79 25.01
C THR D 52 -3.04 -19.72 24.61
N PRO D 53 -3.83 -19.95 23.57
CA PRO D 53 -4.77 -18.91 23.11
C PRO D 53 -5.75 -18.51 24.20
N VAL D 54 -6.05 -17.21 24.25
CA VAL D 54 -6.95 -16.65 25.25
C VAL D 54 -8.37 -16.63 24.69
N PRO D 55 -9.39 -16.62 25.54
CA PRO D 55 -10.77 -16.54 25.04
C PRO D 55 -11.02 -15.22 24.32
N ALA D 56 -11.96 -15.25 23.37
CA ALA D 56 -12.27 -14.10 22.54
C ALA D 56 -12.83 -12.92 23.30
N SER D 57 -13.09 -13.06 24.61
CA SER D 57 -13.58 -11.92 25.39
C SER D 57 -12.49 -10.89 25.60
N GLU D 58 -11.28 -11.32 25.96
CA GLU D 58 -10.18 -10.42 26.19
C GLU D 58 -9.32 -10.18 24.96
N ASN D 59 -9.63 -10.82 23.84
CA ASN D 59 -8.84 -10.67 22.63
C ASN D 59 -9.19 -9.34 21.96
N PRO D 60 -8.24 -8.43 21.79
CA PRO D 60 -8.56 -7.13 21.18
C PRO D 60 -8.87 -7.21 19.70
N PHE D 61 -8.40 -8.25 19.01
CA PHE D 61 -8.63 -8.40 17.58
C PHE D 61 -9.83 -9.32 17.38
N ARG D 62 -10.95 -8.74 16.98
CA ARG D 62 -12.22 -9.44 16.79
C ARG D 62 -12.63 -10.20 18.06
N VAL E 2 0.24 30.42 17.27
CA VAL E 2 -1.12 30.06 16.88
C VAL E 2 -2.07 31.22 17.16
N GLN E 3 -2.92 31.54 16.18
CA GLN E 3 -3.87 32.63 16.32
C GLN E 3 -5.12 32.29 15.53
N LEU E 4 -6.26 32.59 16.12
CA LEU E 4 -7.59 32.28 15.58
C LEU E 4 -8.50 33.50 15.67
N VAL E 5 -8.02 34.65 15.19
CA VAL E 5 -8.70 35.90 15.49
C VAL E 5 -9.89 36.06 14.56
N GLU E 6 -11.04 36.42 15.13
CA GLU E 6 -12.27 36.55 14.35
C GLU E 6 -12.82 37.97 14.48
N SER E 7 -13.77 38.27 13.60
CA SER E 7 -14.36 39.60 13.49
C SER E 7 -15.70 39.49 12.78
N GLY E 8 -16.44 40.60 12.80
CA GLY E 8 -17.72 40.70 12.12
C GLY E 8 -18.89 41.10 12.99
N GLY E 9 -18.73 41.14 14.31
CA GLY E 9 -19.83 41.42 15.21
C GLY E 9 -20.20 42.89 15.26
N GLY E 10 -21.06 43.22 16.21
CA GLY E 10 -21.52 44.58 16.37
C GLY E 10 -23.00 44.71 16.65
N LEU E 11 -23.58 45.85 16.28
CA LEU E 11 -24.99 46.15 16.55
C LEU E 11 -25.82 45.88 15.31
N VAL E 12 -26.87 45.07 15.47
CA VAL E 12 -27.79 44.74 14.39
C VAL E 12 -29.22 44.97 14.84
N GLN E 13 -30.17 44.64 13.96
CA GLN E 13 -31.59 44.79 14.18
C GLN E 13 -32.30 43.46 13.99
N PRO E 14 -33.47 43.27 14.60
CA PRO E 14 -34.20 42.01 14.42
C PRO E 14 -34.56 41.76 12.97
N GLY E 15 -34.49 40.49 12.57
CA GLY E 15 -34.82 40.11 11.21
C GLY E 15 -33.75 40.40 10.19
N GLY E 16 -32.55 40.78 10.61
CA GLY E 16 -31.47 41.11 9.70
C GLY E 16 -30.59 39.91 9.40
N SER E 17 -29.35 40.21 9.03
CA SER E 17 -28.37 39.18 8.70
C SER E 17 -26.98 39.73 8.95
N ARG E 18 -26.02 38.82 9.13
CA ARG E 18 -24.65 39.23 9.40
C ARG E 18 -23.71 38.05 9.18
N LYS E 19 -22.50 38.37 8.71
CA LYS E 19 -21.48 37.36 8.44
C LYS E 19 -20.34 37.53 9.42
N LEU E 20 -19.90 36.41 10.00
CA LEU E 20 -18.76 36.38 10.91
C LEU E 20 -17.61 35.66 10.23
N SER E 21 -16.39 36.18 10.41
CA SER E 21 -15.21 35.60 9.79
C SER E 21 -14.19 35.29 10.87
N CYS E 22 -13.47 34.18 10.69
CA CYS E 22 -12.48 33.71 11.64
C CYS E 22 -11.21 33.40 10.87
N SER E 23 -10.20 34.26 11.01
CA SER E 23 -8.94 34.12 10.30
C SER E 23 -7.93 33.40 11.21
N ALA E 24 -7.35 32.33 10.68
CA ALA E 24 -6.43 31.48 11.41
C ALA E 24 -5.04 31.59 10.81
N SER E 25 -4.04 31.69 11.69
CA SER E 25 -2.64 31.79 11.28
C SER E 25 -1.77 31.03 12.26
N GLY E 26 -0.76 30.34 11.73
CA GLY E 26 0.21 29.67 12.55
C GLY E 26 0.05 28.17 12.71
N PHE E 27 -0.88 27.56 11.99
CA PHE E 27 -1.05 26.12 12.06
C PHE E 27 -1.66 25.63 10.75
N ALA E 28 -1.60 24.32 10.54
CA ALA E 28 -2.13 23.68 9.33
C ALA E 28 -3.64 23.70 9.39
N PHE E 29 -4.22 24.82 8.96
CA PHE E 29 -5.66 25.03 9.08
C PHE E 29 -6.46 24.00 8.29
N SER E 30 -5.90 23.48 7.20
CA SER E 30 -6.63 22.57 6.33
C SER E 30 -6.71 21.15 6.87
N SER E 31 -6.37 20.93 8.14
CA SER E 31 -6.45 19.62 8.74
C SER E 31 -7.19 19.61 10.07
N PHE E 32 -7.87 20.70 10.42
CA PHE E 32 -8.57 20.85 11.69
C PHE E 32 -10.06 21.05 11.43
N GLY E 33 -10.89 20.29 12.13
CA GLY E 33 -12.30 20.62 12.18
C GLY E 33 -12.54 21.86 13.04
N MET E 34 -13.58 22.62 12.68
CA MET E 34 -13.82 23.89 13.33
C MET E 34 -15.24 23.96 13.89
N HIS E 35 -15.33 24.53 15.09
CA HIS E 35 -16.57 24.70 15.81
C HIS E 35 -16.80 26.19 16.07
N TRP E 36 -18.06 26.57 16.19
CA TRP E 36 -18.42 27.86 16.74
C TRP E 36 -19.11 27.64 18.09
N VAL E 37 -18.83 28.51 19.05
CA VAL E 37 -19.43 28.39 20.38
C VAL E 37 -19.75 29.79 20.89
N ARG E 38 -21.01 30.04 21.22
CA ARG E 38 -21.41 31.35 21.68
C ARG E 38 -21.62 31.35 23.20
N GLN E 39 -21.69 32.56 23.76
CA GLN E 39 -21.96 32.72 25.18
C GLN E 39 -22.76 33.99 25.37
N ALA E 40 -23.93 33.86 25.98
CA ALA E 40 -24.78 35.01 26.25
C ALA E 40 -24.27 35.75 27.48
N PRO E 41 -24.60 37.04 27.61
CA PRO E 41 -24.15 37.79 28.79
C PRO E 41 -24.68 37.18 30.07
N GLU E 42 -23.81 37.11 31.08
CA GLU E 42 -24.13 36.62 32.42
C GLU E 42 -24.61 35.16 32.42
N LYS E 43 -24.34 34.42 31.35
CA LYS E 43 -24.76 33.01 31.30
C LYS E 43 -23.64 32.13 30.76
N GLY E 44 -23.95 30.85 30.55
CA GLY E 44 -22.95 29.85 30.22
C GLY E 44 -22.71 29.71 28.72
N LEU E 45 -22.01 28.63 28.38
CA LEU E 45 -21.61 28.33 27.01
C LEU E 45 -22.62 27.39 26.36
N GLU E 46 -22.77 27.53 25.05
CA GLU E 46 -23.63 26.62 24.30
C GLU E 46 -23.09 26.45 22.89
N TRP E 47 -23.17 25.22 22.38
CA TRP E 47 -22.64 24.88 21.08
C TRP E 47 -23.50 25.47 19.96
N VAL E 48 -22.87 25.75 18.81
CA VAL E 48 -23.59 26.38 17.72
C VAL E 48 -23.46 25.56 16.42
N ALA E 49 -22.24 25.26 16.00
CA ALA E 49 -22.07 24.67 14.68
C ALA E 49 -20.72 23.97 14.56
N TYR E 50 -20.68 23.02 13.63
CA TYR E 50 -19.55 22.14 13.33
C TYR E 50 -19.34 21.99 11.85
N ILE E 51 -18.11 22.18 11.39
CA ILE E 51 -17.70 21.80 10.04
C ILE E 51 -16.41 21.00 10.14
N SER E 52 -16.39 19.84 9.50
CA SER E 52 -15.26 18.92 9.64
C SER E 52 -14.14 19.29 8.67
N SER E 53 -13.10 18.47 8.64
CA SER E 53 -11.99 18.68 7.73
C SER E 53 -12.32 18.13 6.36
N GLY E 54 -12.14 18.97 5.33
CA GLY E 54 -12.58 18.62 4.00
C GLY E 54 -14.03 18.94 3.71
N SER E 55 -14.75 19.54 4.66
CA SER E 55 -16.13 19.98 4.47
C SER E 55 -17.07 18.82 4.14
N GLY E 56 -16.73 17.63 4.59
CA GLY E 56 -17.54 16.45 4.33
C GLY E 56 -18.60 16.14 5.38
N THR E 57 -18.72 16.97 6.41
CA THR E 57 -19.68 16.73 7.48
C THR E 57 -19.96 18.04 8.19
N ILE E 58 -21.23 18.41 8.28
CA ILE E 58 -21.65 19.67 8.90
C ILE E 58 -22.77 19.38 9.88
N TYR E 59 -22.65 19.89 11.10
CA TYR E 59 -23.68 19.74 12.13
C TYR E 59 -24.09 21.11 12.66
N TYR E 60 -25.38 21.24 12.99
CA TYR E 60 -25.92 22.45 13.57
C TYR E 60 -26.60 22.13 14.90
N ALA E 61 -27.10 23.17 15.56
CA ALA E 61 -27.87 23.04 16.78
C ALA E 61 -29.36 23.16 16.47
N ASP E 62 -30.17 22.46 17.27
CA ASP E 62 -31.61 22.44 17.03
C ASP E 62 -32.24 23.82 17.18
N THR E 63 -31.60 24.73 17.91
CA THR E 63 -32.18 26.05 18.11
C THR E 63 -31.84 27.04 17.00
N VAL E 64 -30.91 26.69 16.10
CA VAL E 64 -30.53 27.57 15.01
C VAL E 64 -30.53 26.88 13.65
N LYS E 65 -30.93 25.62 13.58
CA LYS E 65 -30.92 24.89 12.31
C LYS E 65 -31.84 25.57 11.31
N GLY E 66 -31.35 25.75 10.08
CA GLY E 66 -32.10 26.40 9.04
C GLY E 66 -31.94 27.91 8.98
N ARG E 67 -31.26 28.51 9.95
CA ARG E 67 -31.00 29.94 9.95
C ARG E 67 -29.53 30.29 9.78
N PHE E 68 -28.63 29.45 10.24
CA PHE E 68 -27.19 29.69 10.18
C PHE E 68 -26.56 28.80 9.12
N THR E 69 -25.45 29.25 8.56
CA THR E 69 -24.73 28.47 7.57
C THR E 69 -23.22 28.61 7.79
N ILE E 70 -22.53 27.49 7.93
CA ILE E 70 -21.09 27.48 8.19
C ILE E 70 -20.36 27.07 6.91
N SER E 71 -19.17 27.63 6.73
CA SER E 71 -18.36 27.31 5.56
C SER E 71 -16.91 27.62 5.87
N ARG E 72 -16.01 27.06 5.07
CA ARG E 72 -14.58 27.27 5.28
C ARG E 72 -13.89 27.51 3.94
N ASP E 73 -12.78 28.23 3.98
CA ASP E 73 -11.98 28.55 2.81
C ASP E 73 -10.53 28.21 3.14
N ASP E 74 -10.02 27.14 2.52
CA ASP E 74 -8.69 26.65 2.87
C ASP E 74 -7.58 27.54 2.32
N PRO E 75 -7.52 27.83 1.02
CA PRO E 75 -6.37 28.63 0.51
C PRO E 75 -6.25 30.00 1.16
N LYS E 76 -7.37 30.63 1.51
CA LYS E 76 -7.33 31.90 2.20
C LYS E 76 -7.34 31.75 3.72
N ASN E 77 -7.54 30.53 4.22
CA ASN E 77 -7.50 30.24 5.65
C ASN E 77 -8.50 31.10 6.42
N THR E 78 -9.79 30.92 6.11
CA THR E 78 -10.80 31.73 6.75
C THR E 78 -12.09 30.94 6.91
N LEU E 79 -12.68 31.01 8.11
CA LEU E 79 -13.92 30.31 8.43
C LEU E 79 -15.07 31.32 8.44
N PHE E 80 -16.09 31.07 7.63
CA PHE E 80 -17.23 31.98 7.50
C PHE E 80 -18.47 31.38 8.15
N LEU E 81 -19.28 32.24 8.77
CA LEU E 81 -20.57 31.82 9.29
C LEU E 81 -21.58 32.90 8.99
N GLN E 82 -22.61 32.55 8.20
CA GLN E 82 -23.63 33.48 7.75
C GLN E 82 -24.89 33.30 8.58
N MET E 83 -25.45 34.41 9.06
CA MET E 83 -26.56 34.42 10.00
C MET E 83 -27.72 35.18 9.39
N THR E 84 -28.90 34.56 9.39
CA THR E 84 -30.09 35.12 8.76
C THR E 84 -31.23 35.22 9.77
N SER E 85 -32.02 36.27 9.64
CA SER E 85 -33.22 36.48 10.45
C SER E 85 -32.90 36.47 11.94
N LEU E 86 -32.02 37.38 12.34
CA LEU E 86 -31.61 37.46 13.73
C LEU E 86 -32.76 37.89 14.62
N ARG E 87 -32.88 37.24 15.77
CA ARG E 87 -33.85 37.60 16.79
C ARG E 87 -33.13 38.07 18.05
N SER E 88 -33.92 38.55 19.01
CA SER E 88 -33.34 39.14 20.22
C SER E 88 -32.62 38.11 21.08
N GLU E 89 -32.88 36.82 20.88
CA GLU E 89 -32.20 35.80 21.67
C GLU E 89 -30.76 35.61 21.24
N ASP E 90 -30.44 35.91 19.98
CA ASP E 90 -29.12 35.65 19.42
C ASP E 90 -28.07 36.66 19.83
N THR E 91 -28.37 37.55 20.77
CA THR E 91 -27.35 38.47 21.27
C THR E 91 -26.39 37.72 22.19
N ALA E 92 -25.10 37.76 21.85
CA ALA E 92 -24.10 36.95 22.55
C ALA E 92 -22.73 37.32 22.02
N MET E 93 -21.71 36.66 22.57
CA MET E 93 -20.33 36.83 22.13
C MET E 93 -19.79 35.47 21.71
N TYR E 94 -19.15 35.43 20.54
CA TYR E 94 -18.86 34.19 19.83
C TYR E 94 -17.38 33.85 19.86
N TYR E 95 -17.10 32.54 19.85
CA TYR E 95 -15.76 31.98 19.87
C TYR E 95 -15.58 31.01 18.70
N CYS E 96 -14.40 31.07 18.10
CA CYS E 96 -13.97 30.17 17.04
C CYS E 96 -13.03 29.13 17.65
N VAL E 97 -13.36 27.85 17.49
CA VAL E 97 -12.62 26.79 18.17
C VAL E 97 -12.16 25.76 17.15
N ARG E 98 -11.02 25.14 17.42
CA ARG E 98 -10.44 24.13 16.56
C ARG E 98 -10.37 22.79 17.27
N SER E 99 -10.39 21.70 16.50
CA SER E 99 -10.30 20.37 17.07
C SER E 99 -9.86 19.39 15.98
N ILE E 100 -8.99 18.45 16.33
CA ILE E 100 -8.49 17.45 15.41
C ILE E 100 -8.67 16.08 16.06
N TYR E 101 -9.31 15.16 15.33
CA TYR E 101 -9.64 13.84 15.86
C TYR E 101 -8.80 12.78 15.16
N TYR E 102 -7.96 12.10 15.93
CA TYR E 102 -7.39 10.81 15.57
C TYR E 102 -7.17 10.05 16.86
N TYR E 103 -6.40 8.97 16.80
CA TYR E 103 -6.16 8.18 18.00
C TYR E 103 -5.17 8.90 18.91
N GLY E 104 -5.61 9.23 20.12
CA GLY E 104 -4.76 9.90 21.08
C GLY E 104 -4.65 11.39 20.92
N SER E 105 -5.52 12.02 20.16
CA SER E 105 -5.47 13.46 19.96
C SER E 105 -6.09 14.18 21.15
N SER E 106 -6.29 15.48 21.02
CA SER E 106 -6.88 16.29 22.09
C SER E 106 -7.67 17.42 21.45
N PRO E 107 -8.98 17.25 21.29
CA PRO E 107 -9.79 18.30 20.67
C PRO E 107 -9.96 19.49 21.60
N PHE E 108 -10.46 20.59 21.02
CA PHE E 108 -10.78 21.81 21.75
C PHE E 108 -9.54 22.40 22.43
N ASP E 109 -8.40 22.31 21.77
CA ASP E 109 -7.14 22.67 22.39
C ASP E 109 -6.78 24.15 22.24
N PHE E 110 -7.54 24.92 21.45
CA PHE E 110 -7.24 26.33 21.30
C PHE E 110 -8.51 27.09 20.92
N TRP E 111 -8.90 28.03 21.76
CA TRP E 111 -10.05 28.90 21.53
C TRP E 111 -9.60 30.26 21.05
N GLY E 112 -10.46 30.92 20.26
CA GLY E 112 -10.18 32.24 19.77
C GLY E 112 -10.32 33.32 20.83
N GLN E 113 -10.61 34.55 20.41
CA GLN E 113 -10.75 35.67 21.34
C GLN E 113 -12.17 36.20 21.43
N GLY E 114 -13.08 35.72 20.58
CA GLY E 114 -14.48 36.10 20.69
C GLY E 114 -14.80 37.47 20.13
N THR E 115 -15.99 37.61 19.55
CA THR E 115 -16.50 38.89 19.10
C THR E 115 -17.92 39.10 19.61
N THR E 116 -18.25 40.34 19.92
CA THR E 116 -19.54 40.68 20.51
C THR E 116 -20.59 40.90 19.44
N LEU E 117 -21.84 40.61 19.79
CA LEU E 117 -22.96 40.76 18.87
C LEU E 117 -24.19 41.16 19.69
N THR E 118 -24.66 42.38 19.49
CA THR E 118 -25.84 42.89 20.18
C THR E 118 -26.93 43.20 19.15
N VAL E 119 -28.12 42.68 19.41
CA VAL E 119 -29.29 42.95 18.59
C VAL E 119 -30.34 43.62 19.47
N SER E 120 -30.85 44.75 19.00
CA SER E 120 -31.83 45.49 19.79
C SER E 120 -33.16 44.77 19.81
N SER E 121 -33.94 45.03 20.85
CA SER E 121 -35.26 44.43 20.99
C SER E 121 -36.35 45.51 20.98
N SER E 136 -34.47 14.90 24.63
CA SER E 136 -33.74 13.93 23.81
C SER E 136 -32.23 14.14 23.92
N ASP E 137 -31.83 15.41 24.05
CA ASP E 137 -30.42 15.74 24.17
C ASP E 137 -29.93 15.50 25.59
N ILE E 138 -28.64 15.18 25.71
CA ILE E 138 -28.04 14.96 27.02
C ILE E 138 -27.98 16.27 27.78
N VAL E 139 -28.43 16.25 29.03
CA VAL E 139 -28.41 17.41 29.90
C VAL E 139 -27.46 17.14 31.06
N MET E 140 -26.61 18.12 31.37
CA MET E 140 -25.60 17.99 32.39
C MET E 140 -25.72 19.13 33.38
N THR E 141 -25.63 18.82 34.67
CA THR E 141 -25.92 19.76 35.74
C THR E 141 -24.74 19.88 36.69
N GLN E 142 -24.33 21.12 36.96
CA GLN E 142 -23.42 21.45 38.06
C GLN E 142 -24.26 22.18 39.10
N ALA E 143 -24.68 21.45 40.13
CA ALA E 143 -25.59 22.02 41.12
C ALA E 143 -24.97 23.22 41.83
N THR E 144 -23.70 23.09 42.24
CA THR E 144 -23.03 24.20 42.90
C THR E 144 -22.79 25.33 41.92
N SER E 145 -23.00 26.56 42.38
CA SER E 145 -22.78 27.75 41.56
C SER E 145 -21.57 28.56 41.99
N SER E 146 -21.16 28.48 43.25
CA SER E 146 -20.00 29.22 43.73
C SER E 146 -19.42 28.49 44.93
N VAL E 147 -18.12 28.67 45.13
CA VAL E 147 -17.39 28.03 46.24
C VAL E 147 -16.37 29.03 46.78
N PRO E 148 -16.41 29.36 48.06
CA PRO E 148 -15.41 30.29 48.61
C PRO E 148 -14.14 29.56 49.03
N VAL E 149 -13.00 29.99 48.50
CA VAL E 149 -11.72 29.32 48.73
C VAL E 149 -10.64 30.33 49.03
N THR E 150 -9.55 29.86 49.62
CA THR E 150 -8.36 30.63 49.91
C THR E 150 -7.14 29.89 49.37
N PRO E 151 -6.10 30.61 48.95
CA PRO E 151 -4.94 29.95 48.34
C PRO E 151 -4.24 29.01 49.32
N GLY E 152 -3.71 27.92 48.78
CA GLY E 152 -2.95 26.96 49.55
C GLY E 152 -3.68 25.69 49.91
N GLU E 153 -5.00 25.64 49.73
CA GLU E 153 -5.77 24.47 50.10
C GLU E 153 -6.07 23.63 48.86
N SER E 154 -6.91 22.60 49.03
CA SER E 154 -7.31 21.71 47.95
C SER E 154 -8.82 21.76 47.78
N VAL E 155 -9.28 21.74 46.53
CA VAL E 155 -10.68 21.92 46.22
C VAL E 155 -11.13 20.84 45.24
N SER E 156 -12.43 20.58 45.24
CA SER E 156 -13.02 19.60 44.33
C SER E 156 -14.29 20.16 43.71
N ILE E 157 -14.54 19.79 42.47
CA ILE E 157 -15.72 20.20 41.72
C ILE E 157 -16.36 18.95 41.12
N SER E 158 -17.70 18.90 41.11
CA SER E 158 -18.42 17.72 40.67
C SER E 158 -19.35 18.08 39.51
N CYS E 159 -19.48 17.13 38.58
CA CYS E 159 -20.36 17.27 37.43
C CYS E 159 -21.14 15.97 37.25
N ARG E 160 -22.33 16.09 36.68
CA ARG E 160 -23.25 14.96 36.56
C ARG E 160 -23.95 15.01 35.21
N SER E 161 -24.28 13.84 34.68
CA SER E 161 -24.92 13.71 33.38
C SER E 161 -26.14 12.81 33.49
N SER E 162 -27.07 12.97 32.55
CA SER E 162 -28.30 12.18 32.57
C SER E 162 -28.02 10.71 32.32
N LYS E 163 -27.27 10.40 31.26
CA LYS E 163 -26.96 9.02 30.89
C LYS E 163 -25.45 8.81 30.99
N SER E 164 -25.07 7.53 30.97
CA SER E 164 -23.66 7.17 31.08
C SER E 164 -22.89 7.62 29.85
N LEU E 165 -21.68 8.11 30.07
CA LEU E 165 -20.80 8.54 28.99
C LEU E 165 -19.79 7.47 28.58
N LEU E 166 -19.61 6.43 29.38
CA LEU E 166 -18.72 5.34 29.03
C LEU E 166 -19.22 4.63 27.78
N HIS E 167 -18.31 4.40 26.84
CA HIS E 167 -18.63 3.77 25.56
C HIS E 167 -18.08 2.35 25.54
N SER E 168 -18.39 1.62 24.47
CA SER E 168 -17.91 0.25 24.34
C SER E 168 -16.41 0.21 24.10
N ASN E 169 -15.83 1.28 23.54
CA ASN E 169 -14.39 1.33 23.33
C ASN E 169 -13.63 1.26 24.64
N GLY E 170 -14.16 1.89 25.68
CA GLY E 170 -13.54 1.90 26.99
C GLY E 170 -13.09 3.26 27.46
N ASN E 171 -13.34 4.32 26.69
CA ASN E 171 -12.96 5.67 27.07
C ASN E 171 -14.21 6.54 27.19
N THR E 172 -14.30 7.27 28.29
CA THR E 172 -15.39 8.21 28.48
C THR E 172 -15.11 9.50 27.73
N TYR E 173 -16.16 10.29 27.52
CA TYR E 173 -16.05 11.54 26.77
C TYR E 173 -16.51 12.68 27.68
N LEU E 174 -15.57 13.19 28.47
CA LEU E 174 -15.82 14.34 29.33
C LEU E 174 -14.66 15.32 29.19
N TYR E 175 -15.00 16.60 29.10
CA TYR E 175 -13.99 17.66 28.94
C TYR E 175 -14.19 18.70 30.02
N TRP E 176 -13.10 19.07 30.68
CA TRP E 176 -13.09 20.11 31.71
C TRP E 176 -12.37 21.33 31.16
N PHE E 177 -13.09 22.45 31.11
CA PHE E 177 -12.59 23.75 30.65
C PHE E 177 -12.56 24.74 31.81
N LEU E 178 -11.64 25.70 31.71
CA LEU E 178 -11.53 26.79 32.68
C LEU E 178 -11.62 28.12 31.94
N GLN E 179 -12.33 29.08 32.55
CA GLN E 179 -12.43 30.44 32.03
C GLN E 179 -12.15 31.41 33.17
N ARG E 180 -10.93 31.90 33.24
CA ARG E 180 -10.61 32.97 34.17
C ARG E 180 -11.12 34.30 33.63
N PRO E 181 -11.46 35.26 34.51
CA PRO E 181 -12.18 36.45 34.06
C PRO E 181 -11.39 37.28 33.05
N GLY E 182 -12.11 37.80 32.06
CA GLY E 182 -11.54 38.67 31.05
C GLY E 182 -10.87 37.97 29.90
N GLN E 183 -10.87 36.64 29.86
CA GLN E 183 -10.17 35.89 28.83
C GLN E 183 -11.09 34.81 28.27
N SER E 184 -10.59 34.11 27.24
CA SER E 184 -11.31 33.03 26.60
C SER E 184 -11.14 31.73 27.37
N PRO E 185 -12.03 30.77 27.16
CA PRO E 185 -11.91 29.49 27.87
C PRO E 185 -10.64 28.75 27.46
N GLN E 186 -10.24 27.80 28.31
CA GLN E 186 -9.02 27.05 28.12
C GLN E 186 -9.26 25.60 28.47
N LEU E 187 -8.71 24.70 27.65
CA LEU E 187 -8.90 23.27 27.86
C LEU E 187 -8.01 22.81 29.01
N LEU E 188 -8.62 22.23 30.04
CA LEU E 188 -7.87 21.66 31.16
C LEU E 188 -7.70 20.16 31.02
N ILE E 189 -8.80 19.42 30.88
CA ILE E 189 -8.74 17.96 30.86
C ILE E 189 -9.62 17.43 29.74
N TYR E 190 -9.12 16.44 29.01
CA TYR E 190 -9.90 15.77 27.97
C TYR E 190 -10.01 14.29 28.29
N ARG E 191 -11.22 13.74 28.16
CA ARG E 191 -11.53 12.34 28.41
C ARG E 191 -11.30 11.94 29.87
N MET E 192 -11.54 12.87 30.77
CA MET E 192 -11.69 12.67 32.21
C MET E 192 -10.39 12.36 32.95
N SER E 193 -9.33 11.99 32.24
CA SER E 193 -8.12 11.60 32.94
C SER E 193 -6.82 12.04 32.28
N ASN E 194 -6.88 12.77 31.17
CA ASN E 194 -5.68 13.13 30.42
C ASN E 194 -5.43 14.62 30.58
N LEU E 195 -4.22 14.97 31.02
CA LEU E 195 -3.87 16.36 31.23
C LEU E 195 -3.39 16.98 29.93
N ALA E 196 -3.98 18.13 29.58
CA ALA E 196 -3.62 18.79 28.34
C ALA E 196 -2.23 19.39 28.43
N SER E 197 -1.66 19.71 27.27
CA SER E 197 -0.31 20.26 27.21
C SER E 197 -0.28 21.66 27.81
N GLY E 198 0.84 21.98 28.46
CA GLY E 198 0.99 23.27 29.10
C GLY E 198 0.04 23.51 30.26
N VAL E 199 -0.22 22.48 31.05
CA VAL E 199 -1.13 22.58 32.19
C VAL E 199 -0.41 22.08 33.44
N PRO E 200 -0.46 22.80 34.55
CA PRO E 200 0.21 22.34 35.77
C PRO E 200 -0.34 21.01 36.25
N ASP E 201 0.51 20.23 36.91
CA ASP E 201 0.16 18.90 37.37
C ASP E 201 -0.82 18.92 38.54
N ARG E 202 -1.12 20.10 39.09
CA ARG E 202 -2.03 20.17 40.24
C ARG E 202 -3.41 19.63 39.89
N PHE E 203 -3.93 20.00 38.71
CA PHE E 203 -5.26 19.57 38.31
C PHE E 203 -5.29 18.06 38.07
N SER E 204 -6.39 17.43 38.45
CA SER E 204 -6.59 16.01 38.19
C SER E 204 -8.07 15.75 37.99
N GLY E 205 -8.39 14.70 37.24
CA GLY E 205 -9.76 14.35 36.96
C GLY E 205 -10.01 12.88 37.19
N SER E 206 -11.23 12.57 37.62
CA SER E 206 -11.61 11.20 37.90
C SER E 206 -13.13 11.10 37.88
N GLY E 207 -13.64 9.92 38.19
CA GLY E 207 -15.06 9.66 38.21
C GLY E 207 -15.41 8.43 37.40
N SER E 208 -16.71 8.18 37.31
CA SER E 208 -17.18 7.02 36.58
C SER E 208 -18.67 7.17 36.31
N GLY E 209 -19.14 6.45 35.30
CA GLY E 209 -20.56 6.43 34.99
C GLY E 209 -21.12 7.80 34.68
N THR E 210 -21.92 8.31 35.62
CA THR E 210 -22.56 9.61 35.47
C THR E 210 -22.09 10.63 36.51
N ALA E 211 -21.02 10.34 37.25
CA ALA E 211 -20.52 11.25 38.27
C ALA E 211 -19.04 11.51 38.03
N PHE E 212 -18.66 12.79 37.95
CA PHE E 212 -17.31 13.17 37.58
C PHE E 212 -16.77 14.20 38.56
N THR E 213 -15.46 14.14 38.82
CA THR E 213 -14.84 14.99 39.84
C THR E 213 -13.52 15.52 39.35
N LEU E 214 -13.36 16.85 39.39
CA LEU E 214 -12.12 17.54 39.08
C LEU E 214 -11.55 18.10 40.37
N THR E 215 -10.32 17.72 40.69
CA THR E 215 -9.68 18.11 41.94
C THR E 215 -8.45 18.95 41.68
N ILE E 216 -8.22 19.93 42.56
CA ILE E 216 -7.04 20.79 42.53
C ILE E 216 -6.35 20.69 43.88
N SER E 217 -5.04 20.44 43.87
CA SER E 217 -4.31 20.23 45.10
C SER E 217 -3.91 21.54 45.77
N ARG E 218 -3.43 22.51 44.98
CA ARG E 218 -3.09 23.82 45.50
C ARG E 218 -3.73 24.88 44.61
N LEU E 219 -4.02 26.04 45.20
CA LEU E 219 -4.65 27.14 44.50
C LEU E 219 -3.75 28.36 44.53
N GLU E 220 -3.65 29.04 43.39
CA GLU E 220 -2.95 30.31 43.26
C GLU E 220 -3.92 31.37 42.77
N ALA E 221 -3.38 32.56 42.47
CA ALA E 221 -4.20 33.63 41.92
C ALA E 221 -4.55 33.42 40.45
N GLU E 222 -3.91 32.45 39.79
CA GLU E 222 -4.20 32.16 38.40
C GLU E 222 -5.33 31.15 38.21
N ASP E 223 -5.71 30.43 39.27
CA ASP E 223 -6.74 29.40 39.20
C ASP E 223 -8.11 29.91 39.64
N VAL E 224 -8.38 31.19 39.44
CA VAL E 224 -9.65 31.80 39.84
C VAL E 224 -10.46 32.04 38.58
N GLY E 225 -11.66 31.44 38.52
CA GLY E 225 -12.51 31.59 37.37
C GLY E 225 -13.66 30.61 37.42
N VAL E 226 -14.32 30.45 36.28
CA VAL E 226 -15.45 29.53 36.15
C VAL E 226 -14.96 28.22 35.54
N TYR E 227 -15.57 27.12 35.94
CA TYR E 227 -15.19 25.78 35.49
C TYR E 227 -16.37 25.14 34.80
N TYR E 228 -16.16 24.62 33.60
CA TYR E 228 -17.23 24.03 32.81
C TYR E 228 -16.92 22.58 32.48
N CYS E 229 -17.94 21.73 32.50
CA CYS E 229 -17.85 20.35 32.04
C CYS E 229 -18.66 20.19 30.77
N MET E 230 -18.16 19.38 29.84
CA MET E 230 -18.82 19.14 28.56
C MET E 230 -18.75 17.66 28.24
N GLN E 231 -19.69 17.18 27.43
CA GLN E 231 -19.68 15.82 26.94
C GLN E 231 -19.54 15.83 25.41
N HIS E 232 -18.89 14.80 24.89
CA HIS E 232 -18.69 14.66 23.45
C HIS E 232 -19.18 13.31 22.93
N LEU E 233 -20.12 12.69 23.64
CA LEU E 233 -20.57 11.35 23.26
C LEU E 233 -21.40 11.39 21.97
N GLU E 234 -22.24 12.42 21.82
CA GLU E 234 -23.09 12.52 20.65
C GLU E 234 -23.51 13.97 20.48
N TYR E 235 -23.84 14.32 19.25
CA TYR E 235 -24.28 15.68 18.96
C TYR E 235 -25.77 15.82 19.20
N PRO E 236 -26.24 17.00 19.64
CA PRO E 236 -25.49 18.24 19.90
C PRO E 236 -24.66 18.19 21.19
N LEU E 237 -23.75 19.14 21.33
CA LEU E 237 -22.83 19.21 22.45
C LEU E 237 -23.41 20.18 23.48
N THR E 238 -23.47 19.74 24.74
CA THR E 238 -24.13 20.49 25.79
C THR E 238 -23.14 20.80 26.90
N PHE E 239 -22.96 22.09 27.20
CA PHE E 239 -22.04 22.50 28.25
C PHE E 239 -22.70 22.47 29.63
N GLY E 240 -23.72 23.29 29.84
CA GLY E 240 -24.29 23.47 31.15
C GLY E 240 -23.60 24.58 31.92
N ALA E 241 -24.27 25.02 33.00
CA ALA E 241 -23.73 26.08 33.83
C ALA E 241 -22.43 25.62 34.50
N GLY E 242 -21.70 26.58 35.08
CA GLY E 242 -20.38 26.31 35.58
C GLY E 242 -20.19 26.79 37.02
N THR E 243 -19.41 26.02 37.75
CA THR E 243 -19.03 26.39 39.12
C THR E 243 -18.04 27.54 39.09
N LYS E 244 -18.16 28.45 40.06
CA LYS E 244 -17.31 29.62 40.16
C LYS E 244 -16.47 29.55 41.43
N LEU E 245 -15.18 29.88 41.30
CA LEU E 245 -14.28 29.95 42.44
C LEU E 245 -13.83 31.39 42.63
N GLU E 246 -13.68 31.80 43.90
CA GLU E 246 -13.23 33.15 44.22
C GLU E 246 -12.54 33.13 45.57
N LEU E 247 -11.74 34.17 45.81
CA LEU E 247 -11.02 34.30 47.07
C LEU E 247 -11.41 35.57 47.80
N LEU F 2 -32.75 -9.60 -28.45
CA LEU F 2 -33.41 -10.88 -28.72
C LEU F 2 -34.66 -10.68 -29.58
N PHE F 3 -35.05 -11.74 -30.27
CA PHE F 3 -36.23 -11.71 -31.11
C PHE F 3 -37.34 -12.59 -30.53
#